data_9GSY
#
_entry.id   9GSY
#
_cell.length_a   1.00
_cell.length_b   1.00
_cell.length_c   1.00
_cell.angle_alpha   90.00
_cell.angle_beta   90.00
_cell.angle_gamma   90.00
#
_symmetry.space_group_name_H-M   'P 1'
#
loop_
_entity.id
_entity.type
_entity.pdbx_description
1 polymer 'Plasma membrane calcium-transporting ATPase 2'
2 non-polymer 'BERYLLIUM TRIFLUORIDE ION'
3 non-polymer 'MAGNESIUM ION'
4 non-polymer '(2S)-1-{[(R)-hydroxy{[(1R,2R,3S,4R,5R,6S)-2,3,6-trihydroxy-4,5-bis(phosphonooxy)cyclohexyl]oxy}phosphoryl]oxy}-3-(octadecanoyloxy)propan-2-yl icosa-5,8,11,14-tetraenoate'
#
_entity_poly.entity_id   1
_entity_poly.type   'polypeptide(L)'
_entity_poly.pdbx_seq_one_letter_code
;MGDMTNSDFYSKNQRNESSHGGEFGCTMEELRSLMELRGTEAVVKIKETYGDTEAICRRLKTSPVEGLPGTAPDLEKRKQ
IFGQNFIPPKKPKTFLQLVWEALQDVTLIILEIAAIISLGLSFYHPPGESNEGCATAQGGAEDEGEAEAGWIEGAAILLS
VICVVLVTAFNDWSKEKQFRGLQSRIEQEQKFTVVRAGQVVQIPVAEIVVGDIAQIKYGDLLPADGLFIQGNDLKIDESS
LTGESDQVRKSVDKDPMLLSGTHVMEGSGRMVVTAVGVNSQTGIIFTLLGAGGEEEEKKDKKAKQQDGAAAMEMQPLKSA
EGGDADDKKKANMHKKEKSVLQGKLTKLAVQIGKAGLVMSAITVIILVLYFTVDTFVVNKKPWLTECTPVYVQYFVKFFI
IGVTVLVVAVPEGLPLAVTISLAYSVKKMMKDNNLVRHLDACETMGNATAICSDKTGTLTTNRMTVVQAYVGDVHYKEIP
DPSSINAKTLELLVNAIAINSAYTTKILPPEKEGALPRQVGNKTECGLLGFVLDLRQDYEPVRSQMPEEKLYKVYTFNSV
RKSMSTVIKMPDESFRMYSKGASEIVLKKCCKILSGAGEARVFRPRDRDEMVKKVIEPMACDGLRTICVAYRDFPSSPEP
DWDNENDILNELTCICVVGIEDPVRPEVPEAIRKCQRAGITVRMVTGDNINTARAIAIKCGIIHPGEDFLCLEGKEFNRR
IRNEKGEIEQERIDKIWPKLRVLARSSPTDKHTLVKGIIDSTHTEQRQVVAVTGDGTNDGPALKKADVGFAMGIAGTDVA
KEASDIILTDDNFSSIVKAVMWGRNVYDSISKFLQFQLTVNVVAVIVAFTGACITQDSPLKAVQMLWVNLIMDTFASLAL
ATEPPTETLLLRKPYGRNKPLISRTMMKNILGHAVYQLTLIFTLLFVGEKMFQIDSGRNAPLHSPPSEHYTIIFNTFVMM
QLFNEINARKIHGERNVFDGIFRNPIFCTIVLGTFAIQIVIVQFGGKPFSCSPLQLDQWMWCIFIGLGELVWGQVIATIP
TSRLKFLKEAGRLTQKEEIPEEELNEDVEEIDHAERELRRGQILWFRGLNRIQTQIRVVKAFRSSLYEGLEKPESRTSIH
NFMAHPEFRIEDSQPHIPLIDDTDLEEDAALKQNSSPPSSLNKNNSAIDSGINLTTDTSKSATSSSPGSPIHSLETSLEN
LYFQGGDYKDDDDK
;
_entity_poly.pdbx_strand_id   A
#
# COMPACT_ATOMS: atom_id res chain seq x y z
N GLY A 25 15.87 7.63 41.41
CA GLY A 25 14.82 8.62 41.51
C GLY A 25 14.71 9.51 40.29
N CYS A 26 15.22 9.02 39.16
CA CYS A 26 15.20 9.79 37.92
C CYS A 26 13.79 9.90 37.33
N THR A 27 12.91 8.94 37.62
CA THR A 27 11.53 8.94 37.15
C THR A 27 11.47 9.17 35.63
N MET A 28 12.00 8.17 34.91
CA MET A 28 12.12 8.24 33.46
C MET A 28 10.83 8.67 32.76
N GLU A 29 9.67 8.50 33.40
CA GLU A 29 8.43 8.96 32.80
C GLU A 29 8.45 10.46 32.54
N GLU A 30 9.03 11.24 33.47
CA GLU A 30 9.22 12.66 33.23
C GLU A 30 10.35 12.92 32.26
N LEU A 31 11.30 11.99 32.11
CA LEU A 31 12.38 12.17 31.15
C LEU A 31 11.85 12.06 29.72
N ARG A 32 11.06 11.02 29.45
CA ARG A 32 10.42 10.92 28.14
C ARG A 32 9.32 11.95 27.95
N SER A 33 8.76 12.48 29.03
CA SER A 33 7.84 13.61 28.90
C SER A 33 8.58 14.86 28.45
N LEU A 34 9.84 15.01 28.85
CA LEU A 34 10.65 16.11 28.33
C LEU A 34 10.86 15.97 26.83
N MET A 35 10.89 14.73 26.32
CA MET A 35 10.92 14.49 24.89
C MET A 35 9.54 14.80 24.29
N GLU A 36 9.41 14.50 22.99
CA GLU A 36 8.17 14.66 22.21
C GLU A 36 7.58 16.05 22.33
N LEU A 37 8.39 17.04 22.71
CA LEU A 37 7.98 18.43 22.84
C LEU A 37 8.95 19.32 22.07
N ARG A 38 9.21 18.95 20.81
CA ARG A 38 10.19 19.65 20.00
C ARG A 38 9.77 21.11 19.76
N GLY A 39 10.72 21.88 19.25
CA GLY A 39 10.50 23.30 18.99
C GLY A 39 11.01 24.17 20.13
N THR A 40 10.77 25.48 19.96
CA THR A 40 11.16 26.44 20.99
C THR A 40 10.38 26.26 22.28
N GLU A 41 9.26 25.52 22.24
CA GLU A 41 8.49 25.28 23.46
C GLU A 41 9.28 24.45 24.45
N ALA A 42 10.20 23.62 23.98
CA ALA A 42 11.05 22.85 24.88
C ALA A 42 11.94 23.77 25.71
N VAL A 43 12.47 24.82 25.09
CA VAL A 43 13.33 25.75 25.81
C VAL A 43 12.56 26.43 26.94
N VAL A 44 11.30 26.80 26.67
CA VAL A 44 10.47 27.42 27.70
C VAL A 44 10.23 26.45 28.84
N LYS A 45 9.89 25.19 28.52
CA LYS A 45 9.57 24.22 29.57
C LYS A 45 10.77 23.92 30.44
N ILE A 46 11.95 23.71 29.83
CA ILE A 46 13.14 23.39 30.62
C ILE A 46 13.58 24.57 31.47
N LYS A 47 13.15 25.79 31.14
CA LYS A 47 13.50 26.95 31.95
C LYS A 47 12.84 26.87 33.33
N GLU A 48 11.59 26.41 33.39
CA GLU A 48 10.88 26.33 34.67
C GLU A 48 11.06 24.97 35.34
N THR A 49 11.16 23.89 34.57
CA THR A 49 11.34 22.58 35.16
C THR A 49 12.78 22.36 35.63
N TYR A 50 13.74 22.92 34.92
CA TYR A 50 15.16 22.72 35.21
C TYR A 50 15.87 24.07 35.07
N GLY A 51 17.18 24.04 35.01
CA GLY A 51 17.95 25.25 34.80
C GLY A 51 18.15 25.56 33.34
N ASP A 52 19.40 25.46 32.87
CA ASP A 52 19.72 25.73 31.46
C ASP A 52 20.36 24.49 30.84
N THR A 53 19.72 23.33 31.02
CA THR A 53 20.17 22.01 30.57
C THR A 53 21.47 21.55 31.24
N GLU A 54 21.99 22.31 32.20
CA GLU A 54 23.05 21.81 33.05
C GLU A 54 22.54 21.32 34.41
N ALA A 55 21.35 21.77 34.82
CA ALA A 55 20.76 21.25 36.05
C ALA A 55 20.40 19.78 35.89
N ILE A 56 19.81 19.41 34.76
CA ILE A 56 19.44 18.01 34.52
C ILE A 56 20.69 17.12 34.54
N CYS A 57 21.78 17.60 33.95
CA CYS A 57 23.04 16.87 34.01
C CYS A 57 23.49 16.67 35.47
N ARG A 58 23.21 17.65 36.33
CA ARG A 58 23.57 17.52 37.73
C ARG A 58 22.63 16.58 38.47
N ARG A 59 21.38 16.45 38.02
CA ARG A 59 20.47 15.49 38.62
C ARG A 59 20.91 14.06 38.38
N LEU A 60 21.85 13.83 37.47
CA LEU A 60 22.44 12.53 37.20
C LEU A 60 23.89 12.56 37.65
N LYS A 61 24.48 11.37 37.78
CA LYS A 61 25.87 11.27 38.22
C LYS A 61 26.82 11.49 37.05
N THR A 62 26.66 12.61 36.34
CA THR A 62 27.45 12.91 35.16
C THR A 62 27.87 14.37 35.18
N SER A 63 28.94 14.67 34.46
CA SER A 63 29.45 16.01 34.28
C SER A 63 29.74 16.26 32.81
N PRO A 64 29.72 17.52 32.36
CA PRO A 64 30.01 17.79 30.94
C PRO A 64 31.37 17.28 30.50
N VAL A 65 32.37 17.36 31.37
CA VAL A 65 33.68 16.78 31.10
C VAL A 65 33.70 15.36 31.66
N GLU A 66 34.28 14.44 30.89
CA GLU A 66 34.33 13.00 31.20
C GLU A 66 33.02 12.51 31.82
N GLY A 67 31.94 12.67 31.06
CA GLY A 67 30.63 12.23 31.53
C GLY A 67 30.64 10.74 31.83
N LEU A 68 29.90 10.37 32.89
CA LEU A 68 29.95 9.03 33.47
C LEU A 68 31.40 8.68 33.76
N PRO A 69 32.04 9.38 34.71
CA PRO A 69 33.50 9.31 34.84
C PRO A 69 34.04 7.89 34.99
N GLY A 70 33.44 7.09 35.87
CA GLY A 70 33.83 5.71 36.04
C GLY A 70 32.93 4.82 35.22
N THR A 71 33.54 3.98 34.38
CA THR A 71 32.75 3.02 33.61
C THR A 71 31.94 2.14 34.55
N ALA A 72 32.58 1.55 35.56
CA ALA A 72 31.92 0.95 36.72
C ALA A 72 30.79 0.01 36.31
N PRO A 73 31.10 -1.21 35.85
CA PRO A 73 30.03 -2.12 35.41
C PRO A 73 28.85 -2.25 36.36
N ASP A 74 29.08 -2.17 37.68
CA ASP A 74 27.95 -2.17 38.61
C ASP A 74 27.08 -0.93 38.41
N LEU A 75 27.70 0.23 38.26
CA LEU A 75 26.94 1.45 37.96
C LEU A 75 26.29 1.39 36.59
N GLU A 76 26.96 0.77 35.61
CA GLU A 76 26.36 0.59 34.30
C GLU A 76 25.09 -0.25 34.39
N LYS A 77 25.13 -1.35 35.14
CA LYS A 77 23.93 -2.15 35.31
C LYS A 77 22.89 -1.42 36.15
N ARG A 78 23.32 -0.56 37.08
CA ARG A 78 22.37 0.25 37.84
C ARG A 78 21.60 1.20 36.93
N LYS A 79 22.30 1.84 35.98
CA LYS A 79 21.63 2.72 35.03
C LYS A 79 20.99 1.97 33.88
N GLN A 80 21.25 0.67 33.74
CA GLN A 80 20.60 -0.14 32.71
C GLN A 80 19.11 -0.35 32.97
N ILE A 81 18.60 0.04 34.14
CA ILE A 81 17.17 -0.02 34.40
C ILE A 81 16.38 0.87 33.46
N PHE A 82 17.05 1.77 32.73
CA PHE A 82 16.37 2.59 31.74
C PHE A 82 16.09 1.80 30.46
N GLY A 83 17.14 1.24 29.86
CA GLY A 83 16.97 0.49 28.64
C GLY A 83 18.24 -0.22 28.25
N GLN A 84 18.08 -1.20 27.34
CA GLN A 84 19.19 -1.97 26.82
C GLN A 84 19.57 -1.58 25.39
N ASN A 85 18.72 -0.80 24.71
CA ASN A 85 18.96 -0.29 23.35
C ASN A 85 19.07 -1.43 22.33
N PHE A 86 18.03 -2.27 22.29
CA PHE A 86 17.96 -3.35 21.31
C PHE A 86 16.54 -3.91 21.21
N ILE A 87 16.00 -3.95 19.99
CA ILE A 87 14.65 -4.44 19.74
C ILE A 87 14.71 -5.50 18.65
N PRO A 88 14.45 -6.77 18.96
CA PRO A 88 14.53 -7.82 17.93
C PRO A 88 13.18 -8.09 17.31
N PRO A 89 13.14 -8.60 16.09
CA PRO A 89 11.88 -8.98 15.45
C PRO A 89 11.39 -10.32 15.98
N LYS A 90 10.25 -10.77 15.45
CA LYS A 90 9.63 -12.01 15.92
C LYS A 90 9.93 -13.20 15.01
N LYS A 91 9.58 -13.11 13.72
CA LYS A 91 9.65 -14.24 12.79
C LYS A 91 8.81 -15.39 13.35
N PRO A 92 7.46 -15.27 13.29
CA PRO A 92 6.59 -16.15 14.06
C PRO A 92 6.88 -17.64 13.94
N LYS A 93 6.83 -18.18 12.72
CA LYS A 93 7.11 -19.60 12.52
C LYS A 93 7.39 -19.83 11.05
N THR A 94 7.85 -21.04 10.74
CA THR A 94 8.15 -21.39 9.35
C THR A 94 6.89 -21.72 8.57
N PHE A 95 6.18 -22.77 8.96
CA PHE A 95 4.96 -23.14 8.26
C PHE A 95 3.77 -23.48 9.15
N LEU A 96 3.98 -23.87 10.40
CA LEU A 96 2.89 -24.43 11.20
C LEU A 96 1.93 -23.34 11.68
N GLN A 97 2.46 -22.21 12.16
CA GLN A 97 1.61 -21.17 12.70
C GLN A 97 0.70 -20.59 11.63
N LEU A 98 1.23 -20.36 10.43
CA LEU A 98 0.42 -19.84 9.33
C LEU A 98 -0.70 -20.83 8.96
N VAL A 99 -0.37 -22.12 8.92
CA VAL A 99 -1.37 -23.14 8.61
C VAL A 99 -2.47 -23.13 9.66
N TRP A 100 -2.08 -23.07 10.94
CA TRP A 100 -3.07 -23.08 12.01
C TRP A 100 -3.95 -21.83 11.95
N GLU A 101 -3.35 -20.68 11.62
CA GLU A 101 -4.12 -19.45 11.52
C GLU A 101 -5.10 -19.50 10.36
N ALA A 102 -4.71 -20.12 9.25
CA ALA A 102 -5.58 -20.17 8.09
C ALA A 102 -6.85 -20.98 8.34
N LEU A 103 -6.80 -21.93 9.27
CA LEU A 103 -7.93 -22.84 9.49
C LEU A 103 -9.10 -22.17 10.21
N GLN A 104 -8.91 -21.01 10.80
CA GLN A 104 -9.96 -20.36 11.59
C GLN A 104 -10.71 -19.36 10.71
N ASP A 105 -11.57 -19.90 9.85
CA ASP A 105 -12.41 -19.10 8.99
C ASP A 105 -13.82 -19.67 9.01
N VAL A 106 -14.81 -18.81 8.80
CA VAL A 106 -16.21 -19.23 8.89
C VAL A 106 -16.54 -20.24 7.79
N THR A 107 -16.12 -19.96 6.57
CA THR A 107 -16.47 -20.82 5.44
C THR A 107 -15.88 -22.22 5.63
N LEU A 108 -14.60 -22.30 5.99
CA LEU A 108 -13.96 -23.59 6.18
C LEU A 108 -14.58 -24.35 7.34
N ILE A 109 -15.06 -23.65 8.38
CA ILE A 109 -15.70 -24.32 9.50
C ILE A 109 -16.95 -25.05 9.05
N ILE A 110 -17.83 -24.36 8.32
CA ILE A 110 -19.07 -25.01 7.88
C ILE A 110 -18.77 -26.10 6.86
N LEU A 111 -17.77 -25.89 5.99
CA LEU A 111 -17.41 -26.92 5.03
C LEU A 111 -16.95 -28.19 5.74
N GLU A 112 -16.07 -28.06 6.72
CA GLU A 112 -15.55 -29.22 7.42
C GLU A 112 -16.63 -29.87 8.28
N ILE A 113 -17.52 -29.08 8.88
CA ILE A 113 -18.60 -29.64 9.67
C ILE A 113 -19.53 -30.48 8.79
N ALA A 114 -19.92 -29.93 7.64
CA ALA A 114 -20.76 -30.69 6.73
C ALA A 114 -20.06 -31.95 6.25
N ALA A 115 -18.76 -31.85 5.94
CA ALA A 115 -18.02 -33.02 5.48
C ALA A 115 -17.99 -34.10 6.54
N ILE A 116 -17.70 -33.73 7.79
CA ILE A 116 -17.55 -34.74 8.84
C ILE A 116 -18.90 -35.36 9.18
N ILE A 117 -19.98 -34.56 9.19
CA ILE A 117 -21.28 -35.15 9.49
C ILE A 117 -21.76 -36.03 8.34
N SER A 118 -21.39 -35.71 7.10
CA SER A 118 -21.76 -36.58 5.99
C SER A 118 -20.96 -37.88 6.03
N LEU A 119 -19.67 -37.80 6.33
CA LEU A 119 -18.84 -39.00 6.39
C LEU A 119 -19.25 -39.90 7.53
N GLY A 120 -19.54 -39.32 8.70
CA GLY A 120 -19.92 -40.13 9.84
C GLY A 120 -21.28 -40.79 9.67
N LEU A 121 -22.24 -40.07 9.09
CA LEU A 121 -23.60 -40.57 8.96
C LEU A 121 -23.77 -41.54 7.79
N SER A 122 -22.75 -41.75 6.97
CA SER A 122 -22.85 -42.72 5.89
C SER A 122 -22.82 -44.16 6.42
N PHE A 123 -22.40 -44.36 7.66
CA PHE A 123 -22.32 -45.69 8.26
C PHE A 123 -23.31 -45.75 9.42
N TYR A 124 -24.56 -46.09 9.12
CA TYR A 124 -25.59 -46.32 10.14
C TYR A 124 -26.41 -47.52 9.68
N HIS A 125 -25.97 -48.72 10.09
CA HIS A 125 -26.62 -49.95 9.68
C HIS A 125 -27.00 -50.80 10.88
N GLY A 150 -21.53 -40.96 0.53
CA GLY A 150 -21.04 -40.64 1.86
C GLY A 150 -19.54 -40.81 1.99
N TRP A 151 -19.03 -41.93 1.48
CA TRP A 151 -17.59 -42.18 1.52
C TRP A 151 -16.83 -41.23 0.60
N ILE A 152 -17.49 -40.72 -0.44
CA ILE A 152 -16.79 -39.93 -1.46
C ILE A 152 -16.89 -38.44 -1.16
N GLU A 153 -18.07 -37.94 -0.79
CA GLU A 153 -18.25 -36.51 -0.61
C GLU A 153 -17.38 -35.96 0.52
N GLY A 154 -17.34 -36.67 1.65
CA GLY A 154 -16.53 -36.18 2.76
C GLY A 154 -15.06 -36.07 2.42
N ALA A 155 -14.53 -37.09 1.74
CA ALA A 155 -13.12 -37.03 1.32
C ALA A 155 -12.88 -35.87 0.37
N ALA A 156 -13.82 -35.63 -0.54
CA ALA A 156 -13.67 -34.52 -1.50
C ALA A 156 -13.63 -33.18 -0.77
N ILE A 157 -14.56 -32.97 0.16
CA ILE A 157 -14.59 -31.68 0.87
C ILE A 157 -13.35 -31.51 1.72
N LEU A 158 -12.90 -32.58 2.40
CA LEU A 158 -11.69 -32.48 3.20
C LEU A 158 -10.47 -32.18 2.33
N LEU A 159 -10.39 -32.80 1.15
CA LEU A 159 -9.27 -32.53 0.25
C LEU A 159 -9.31 -31.09 -0.24
N SER A 160 -10.49 -30.57 -0.54
CA SER A 160 -10.61 -29.17 -0.95
C SER A 160 -10.15 -28.23 0.16
N VAL A 161 -10.55 -28.52 1.40
CA VAL A 161 -10.13 -27.69 2.53
C VAL A 161 -8.61 -27.74 2.69
N ILE A 162 -8.02 -28.94 2.59
CA ILE A 162 -6.57 -29.06 2.70
C ILE A 162 -5.88 -28.27 1.59
N CYS A 163 -6.40 -28.35 0.37
CA CYS A 163 -5.78 -27.65 -0.75
C CYS A 163 -5.82 -26.13 -0.55
N VAL A 164 -6.97 -25.60 -0.16
CA VAL A 164 -7.06 -24.15 0.00
C VAL A 164 -6.17 -23.69 1.16
N VAL A 165 -6.15 -24.45 2.27
CA VAL A 165 -5.30 -24.08 3.39
C VAL A 165 -3.83 -24.06 2.98
N LEU A 166 -3.40 -25.09 2.25
CA LEU A 166 -2.00 -25.16 1.84
C LEU A 166 -1.64 -24.03 0.88
N VAL A 167 -2.53 -23.71 -0.06
CA VAL A 167 -2.22 -22.65 -1.02
C VAL A 167 -2.10 -21.32 -0.30
N THR A 168 -3.06 -21.01 0.58
CA THR A 168 -3.00 -19.75 1.32
C THR A 168 -1.74 -19.67 2.17
N ALA A 169 -1.44 -20.74 2.91
CA ALA A 169 -0.27 -20.72 3.79
C ALA A 169 1.01 -20.56 3.00
N PHE A 170 1.15 -21.29 1.89
CA PHE A 170 2.38 -21.18 1.11
C PHE A 170 2.54 -19.80 0.50
N ASN A 171 1.45 -19.22 -0.02
CA ASN A 171 1.56 -17.90 -0.62
C ASN A 171 1.93 -16.85 0.41
N ASP A 172 1.29 -16.89 1.59
CA ASP A 172 1.62 -15.93 2.63
C ASP A 172 3.07 -16.10 3.10
N TRP A 173 3.52 -17.35 3.27
CA TRP A 173 4.90 -17.58 3.71
C TRP A 173 5.89 -17.07 2.67
N SER A 174 5.63 -17.32 1.38
CA SER A 174 6.54 -16.88 0.34
C SER A 174 6.61 -15.36 0.29
N LYS A 175 5.46 -14.69 0.36
CA LYS A 175 5.47 -13.23 0.31
C LYS A 175 6.17 -12.64 1.53
N GLU A 176 5.90 -13.19 2.71
CA GLU A 176 6.54 -12.69 3.93
C GLU A 176 8.06 -12.87 3.87
N LYS A 177 8.52 -14.02 3.37
CA LYS A 177 9.96 -14.23 3.24
C LYS A 177 10.57 -13.30 2.20
N GLN A 178 9.85 -13.05 1.10
CA GLN A 178 10.37 -12.16 0.07
C GLN A 178 10.41 -10.71 0.53
N PHE A 179 9.53 -10.33 1.46
CA PHE A 179 9.51 -8.95 1.94
C PHE A 179 10.82 -8.57 2.62
N ARG A 180 11.36 -9.48 3.44
CA ARG A 180 12.59 -9.18 4.18
C ARG A 180 13.82 -9.10 3.29
N GLY A 181 13.72 -9.51 2.03
CA GLY A 181 14.88 -9.40 1.14
C GLY A 181 15.28 -7.97 0.87
N LEU A 182 14.31 -7.10 0.59
CA LEU A 182 14.61 -5.70 0.30
C LEU A 182 14.94 -4.90 1.56
N GLN A 183 14.45 -5.34 2.72
CA GLN A 183 14.65 -4.61 3.96
C GLN A 183 15.99 -4.91 4.62
N SER A 184 16.73 -5.91 4.13
CA SER A 184 18.01 -6.29 4.71
C SER A 184 19.03 -5.15 4.64
N GLN A 190 29.09 1.12 13.38
CA GLN A 190 28.10 1.13 14.46
C GLN A 190 28.59 1.96 15.64
N LYS A 191 29.76 1.61 16.17
CA LYS A 191 30.29 2.31 17.33
C LYS A 191 30.62 3.75 16.97
N PHE A 192 30.29 4.67 17.88
CA PHE A 192 30.56 6.09 17.68
C PHE A 192 31.22 6.64 18.94
N THR A 193 31.74 7.86 18.81
CA THR A 193 32.56 8.44 19.86
C THR A 193 31.72 8.78 21.10
N VAL A 194 32.17 8.30 22.25
CA VAL A 194 31.55 8.62 23.53
C VAL A 194 32.65 8.83 24.56
N VAL A 195 32.53 9.89 25.36
CA VAL A 195 33.56 10.25 26.33
C VAL A 195 33.24 9.49 27.61
N ARG A 196 33.85 8.31 27.76
CA ARG A 196 33.60 7.49 28.95
C ARG A 196 34.39 8.01 30.15
N ALA A 197 35.72 7.93 30.09
CA ALA A 197 36.60 8.35 31.18
C ALA A 197 37.72 9.22 30.60
N GLY A 198 37.45 10.52 30.44
CA GLY A 198 38.43 11.45 29.95
C GLY A 198 38.68 11.33 28.45
N GLN A 199 39.36 10.26 28.05
CA GLN A 199 39.60 9.99 26.65
C GLN A 199 38.33 9.43 26.01
N VAL A 200 37.97 9.98 24.85
CA VAL A 200 36.81 9.46 24.13
C VAL A 200 37.16 8.11 23.51
N VAL A 201 36.32 7.11 23.75
CA VAL A 201 36.58 5.74 23.33
C VAL A 201 35.36 5.21 22.58
N GLN A 202 35.60 4.55 21.45
CA GLN A 202 34.52 3.97 20.67
C GLN A 202 33.83 2.87 21.45
N ILE A 203 32.50 2.87 21.42
CA ILE A 203 31.69 1.91 22.18
C ILE A 203 30.53 1.46 21.31
N PRO A 204 30.16 0.17 21.35
CA PRO A 204 29.05 -0.31 20.52
C PRO A 204 27.73 0.31 20.93
N VAL A 205 26.79 0.30 19.99
CA VAL A 205 25.50 0.96 20.18
C VAL A 205 24.75 0.37 21.36
N ALA A 206 24.83 -0.96 21.53
CA ALA A 206 24.05 -1.62 22.58
C ALA A 206 24.49 -1.20 23.98
N GLU A 207 25.70 -0.69 24.15
CA GLU A 207 26.22 -0.33 25.47
C GLU A 207 25.88 1.09 25.89
N ILE A 208 25.16 1.86 25.06
CA ILE A 208 24.79 3.21 25.43
C ILE A 208 23.81 3.18 26.60
N VAL A 209 24.07 4.00 27.61
CA VAL A 209 23.21 4.11 28.78
C VAL A 209 22.89 5.58 29.02
N VAL A 210 21.86 5.82 29.83
CA VAL A 210 21.48 7.18 30.17
C VAL A 210 22.63 7.84 30.94
N GLY A 211 22.98 9.06 30.53
CA GLY A 211 24.05 9.81 31.15
C GLY A 211 25.33 9.85 30.36
N ASP A 212 25.51 8.96 29.39
CA ASP A 212 26.72 8.97 28.57
C ASP A 212 26.77 10.25 27.73
N ILE A 213 27.97 10.81 27.62
CA ILE A 213 28.21 11.99 26.81
C ILE A 213 28.80 11.53 25.48
N ALA A 214 28.09 11.81 24.39
CA ALA A 214 28.46 11.34 23.07
C ALA A 214 28.86 12.52 22.19
N GLN A 215 29.91 12.32 21.38
CA GLN A 215 30.39 13.33 20.44
C GLN A 215 29.84 13.03 19.06
N ILE A 216 29.32 14.06 18.39
CA ILE A 216 28.68 13.91 17.09
C ILE A 216 29.41 14.78 16.07
N LYS A 217 29.77 14.19 14.95
CA LYS A 217 30.34 14.90 13.82
C LYS A 217 29.48 14.62 12.59
N TYR A 218 29.69 15.42 11.55
CA TYR A 218 28.87 15.32 10.35
C TYR A 218 28.98 13.94 9.73
N GLY A 219 27.86 13.42 9.25
CA GLY A 219 27.79 12.09 8.67
C GLY A 219 27.38 10.99 9.62
N ASP A 220 27.31 11.26 10.92
CA ASP A 220 26.96 10.25 11.90
C ASP A 220 25.45 10.06 11.96
N LEU A 221 25.03 8.97 12.62
CA LEU A 221 23.62 8.68 12.85
C LEU A 221 23.40 8.58 14.36
N LEU A 222 22.48 9.41 14.86
CA LEU A 222 22.24 9.46 16.29
C LEU A 222 21.57 8.18 16.77
N PRO A 223 22.13 7.49 17.76
CA PRO A 223 21.53 6.22 18.20
C PRO A 223 20.42 6.39 19.22
N ALA A 224 20.44 7.49 19.97
CA ALA A 224 19.47 7.68 21.04
C ALA A 224 19.17 9.17 21.20
N ASP A 225 18.03 9.46 21.83
CA ASP A 225 17.64 10.84 22.09
C ASP A 225 18.65 11.51 23.01
N GLY A 226 18.81 12.82 22.83
CA GLY A 226 19.78 13.55 23.62
C GLY A 226 19.44 15.02 23.72
N LEU A 227 20.26 15.74 24.49
CA LEU A 227 20.14 17.17 24.68
C LEU A 227 21.44 17.84 24.28
N PHE A 228 21.35 18.92 23.51
CA PHE A 228 22.53 19.61 23.02
C PHE A 228 23.28 20.28 24.16
N ILE A 229 24.51 19.83 24.42
CA ILE A 229 25.34 20.40 25.47
C ILE A 229 26.07 21.62 24.92
N GLN A 230 26.92 21.41 23.93
CA GLN A 230 27.67 22.49 23.31
C GLN A 230 28.23 21.99 21.98
N GLY A 231 28.36 22.90 21.03
CA GLY A 231 28.90 22.56 19.73
C GLY A 231 28.84 23.73 18.79
N ASN A 232 29.40 23.53 17.60
CA ASN A 232 29.37 24.53 16.55
C ASN A 232 27.99 24.54 15.91
N ASP A 233 27.85 25.28 14.80
CA ASP A 233 26.60 25.31 14.06
C ASP A 233 26.23 23.90 13.58
N LEU A 234 25.15 23.36 14.12
CA LEU A 234 24.74 21.98 13.84
C LEU A 234 23.43 22.00 13.07
N LYS A 235 23.36 21.16 12.02
CA LYS A 235 22.16 21.02 11.22
C LYS A 235 21.79 19.55 11.14
N ILE A 236 20.56 19.23 11.51
CA ILE A 236 20.07 17.86 11.59
C ILE A 236 18.97 17.69 10.57
N ASP A 237 19.03 16.60 9.80
CA ASP A 237 18.00 16.28 8.81
C ASP A 237 16.96 15.38 9.47
N GLU A 238 15.78 15.92 9.71
CA GLU A 238 14.68 15.19 10.34
C GLU A 238 13.54 14.95 9.35
N SER A 239 13.90 14.70 8.09
CA SER A 239 12.87 14.45 7.07
C SER A 239 12.11 13.16 7.34
N SER A 240 12.81 12.12 7.79
CA SER A 240 12.16 10.84 8.04
C SER A 240 11.34 10.90 9.34
N LEU A 241 11.98 11.27 10.44
CA LEU A 241 11.29 11.26 11.73
C LEU A 241 10.25 12.37 11.80
N THR A 242 10.68 13.63 11.68
CA THR A 242 9.76 14.75 11.87
C THR A 242 8.90 15.01 10.64
N GLY A 243 9.50 15.01 9.45
CA GLY A 243 8.78 15.35 8.23
C GLY A 243 9.03 16.75 7.70
N GLU A 244 9.97 17.48 8.28
CA GLU A 244 10.31 18.81 7.79
C GLU A 244 11.32 18.70 6.65
N SER A 245 11.01 19.36 5.53
CA SER A 245 11.86 19.26 4.35
C SER A 245 13.20 19.96 4.56
N ASP A 246 13.16 21.20 5.07
CA ASP A 246 14.37 21.98 5.22
C ASP A 246 15.20 21.49 6.41
N GLN A 247 16.48 21.81 6.40
CA GLN A 247 17.37 21.40 7.47
C GLN A 247 17.11 22.21 8.73
N VAL A 248 17.11 21.52 9.87
CA VAL A 248 16.82 22.13 11.16
C VAL A 248 18.13 22.43 11.87
N ARG A 249 18.29 23.67 12.32
CA ARG A 249 19.48 24.09 13.04
C ARG A 249 19.30 23.83 14.54
N LYS A 250 20.27 23.15 15.13
CA LYS A 250 20.26 22.81 16.54
C LYS A 250 21.22 23.71 17.29
N SER A 251 20.74 24.32 18.37
CA SER A 251 21.56 25.19 19.21
C SER A 251 21.11 25.06 20.65
N VAL A 252 22.01 25.41 21.56
CA VAL A 252 21.68 25.38 22.99
C VAL A 252 20.56 26.36 23.29
N ASP A 253 20.59 27.54 22.66
CA ASP A 253 19.58 28.56 22.93
C ASP A 253 18.21 28.13 22.39
N LYS A 254 18.16 27.67 21.14
CA LYS A 254 16.90 27.34 20.48
C LYS A 254 16.95 25.93 19.93
N ASP A 255 15.90 25.16 20.24
CA ASP A 255 15.69 23.79 19.77
C ASP A 255 16.87 22.88 20.12
N PRO A 256 17.15 22.66 21.41
CA PRO A 256 18.20 21.70 21.81
C PRO A 256 17.63 20.30 22.06
N MET A 257 16.93 19.77 21.05
CA MET A 257 16.24 18.48 21.16
C MET A 257 16.77 17.54 20.09
N LEU A 258 17.79 16.76 20.43
CA LEU A 258 18.31 15.75 19.53
C LEU A 258 17.42 14.51 19.56
N LEU A 259 17.09 13.97 18.40
CA LEU A 259 16.24 12.80 18.28
C LEU A 259 17.00 11.66 17.61
N SER A 260 16.64 10.43 17.98
CA SER A 260 17.31 9.25 17.47
C SER A 260 16.83 8.94 16.06
N GLY A 261 17.74 8.39 15.25
CA GLY A 261 17.40 8.00 13.90
C GLY A 261 17.38 9.12 12.88
N THR A 262 18.09 10.22 13.14
CA THR A 262 18.18 11.34 12.21
C THR A 262 19.64 11.61 11.89
N HIS A 263 19.94 11.78 10.61
CA HIS A 263 21.31 12.06 10.19
C HIS A 263 21.70 13.49 10.57
N VAL A 264 23.01 13.70 10.67
CA VAL A 264 23.58 15.01 10.92
C VAL A 264 24.32 15.46 9.67
N MET A 265 24.00 16.66 9.19
CA MET A 265 24.54 17.12 7.91
C MET A 265 25.90 17.80 8.08
N GLU A 266 25.95 18.86 8.89
CA GLU A 266 27.20 19.56 9.13
C GLU A 266 27.26 20.05 10.57
N GLY A 267 28.49 20.23 11.07
CA GLY A 267 28.72 20.68 12.42
C GLY A 267 29.19 19.56 13.34
N SER A 268 29.70 19.96 14.50
CA SER A 268 30.21 19.03 15.48
C SER A 268 29.83 19.51 16.87
N GLY A 269 29.68 18.56 17.79
CA GLY A 269 29.29 18.91 19.14
C GLY A 269 29.26 17.69 20.03
N ARG A 270 28.68 17.89 21.22
CA ARG A 270 28.53 16.83 22.20
C ARG A 270 27.14 16.92 22.82
N MET A 271 26.61 15.76 23.20
CA MET A 271 25.27 15.69 23.77
C MET A 271 25.22 14.65 24.88
N VAL A 272 24.28 14.83 25.78
CA VAL A 272 23.93 13.82 26.78
C VAL A 272 22.98 12.83 26.10
N VAL A 273 22.74 11.69 26.75
CA VAL A 273 21.75 10.72 26.26
C VAL A 273 20.63 10.63 27.30
N THR A 274 19.40 10.85 26.85
CA THR A 274 18.25 10.89 27.75
C THR A 274 17.37 9.65 27.65
N ALA A 275 17.00 9.24 26.45
CA ALA A 275 16.20 8.03 26.23
C ALA A 275 17.00 7.09 25.36
N VAL A 276 17.32 5.90 25.89
CA VAL A 276 18.27 5.01 25.24
C VAL A 276 17.57 4.06 24.27
N GLY A 277 16.66 3.24 24.78
CA GLY A 277 16.08 2.18 23.98
C GLY A 277 14.65 2.41 23.54
N VAL A 278 13.73 1.61 24.09
CA VAL A 278 12.33 1.66 23.67
C VAL A 278 11.72 3.01 24.00
N ASN A 279 12.23 3.69 25.03
CA ASN A 279 11.69 4.99 25.42
C ASN A 279 11.97 6.09 24.41
N SER A 280 12.85 5.85 23.43
CA SER A 280 13.16 6.85 22.43
C SER A 280 11.95 7.08 21.51
N GLN A 281 12.04 8.14 20.70
CA GLN A 281 10.92 8.51 19.85
C GLN A 281 10.60 7.42 18.84
N THR A 282 11.63 6.82 18.23
CA THR A 282 11.40 5.72 17.31
C THR A 282 10.86 4.50 18.03
N GLY A 283 11.33 4.23 19.25
CA GLY A 283 10.88 3.06 19.96
C GLY A 283 9.41 3.09 20.31
N ILE A 284 8.88 4.27 20.64
CA ILE A 284 7.47 4.38 20.98
C ILE A 284 6.60 4.00 19.78
N ILE A 285 6.94 4.53 18.61
CA ILE A 285 6.17 4.21 17.41
C ILE A 285 6.35 2.75 17.02
N PHE A 286 7.58 2.23 17.10
CA PHE A 286 7.84 0.87 16.66
C PHE A 286 7.06 -0.14 17.49
N THR A 287 7.02 0.03 18.82
CA THR A 287 6.32 -0.93 19.66
C THR A 287 4.81 -0.76 19.60
N LEU A 288 4.32 0.38 19.11
CA LEU A 288 2.90 0.52 18.86
C LEU A 288 2.46 -0.28 17.66
N LEU A 289 3.41 -0.65 16.80
CA LEU A 289 3.16 -1.49 15.63
C LEU A 289 3.23 -2.98 15.99
N GLY A 290 2.45 -3.36 16.99
CA GLY A 290 2.36 -4.75 17.44
C GLY A 290 3.56 -5.26 18.20
N LYS A 338 -9.25 -8.82 8.48
CA LYS A 338 -10.56 -8.91 7.84
C LYS A 338 -10.68 -7.95 6.67
N SER A 339 -10.08 -8.29 5.54
CA SER A 339 -10.20 -7.48 4.34
C SER A 339 -11.67 -7.36 3.93
N VAL A 340 -11.99 -6.29 3.20
CA VAL A 340 -13.37 -6.03 2.82
C VAL A 340 -13.95 -7.19 2.03
N LEU A 341 -13.14 -7.82 1.19
CA LEU A 341 -13.63 -8.93 0.37
C LEU A 341 -14.04 -10.11 1.25
N GLN A 342 -13.24 -10.41 2.29
CA GLN A 342 -13.56 -11.55 3.15
C GLN A 342 -14.88 -11.38 3.86
N GLY A 343 -15.22 -10.15 4.27
CA GLY A 343 -16.51 -9.93 4.91
C GLY A 343 -17.67 -10.24 3.98
N LYS A 344 -17.59 -9.77 2.74
CA LYS A 344 -18.64 -10.05 1.78
C LYS A 344 -18.74 -11.54 1.48
N LEU A 345 -17.59 -12.21 1.33
CA LEU A 345 -17.61 -13.64 1.06
C LEU A 345 -18.22 -14.42 2.23
N THR A 346 -17.88 -14.05 3.46
CA THR A 346 -18.45 -14.72 4.62
C THR A 346 -19.97 -14.49 4.68
N LYS A 347 -20.41 -13.27 4.41
CA LYS A 347 -21.85 -13.00 4.41
C LYS A 347 -22.56 -13.84 3.35
N LEU A 348 -21.97 -13.93 2.15
CA LEU A 348 -22.56 -14.76 1.11
C LEU A 348 -22.58 -16.23 1.51
N ALA A 349 -21.50 -16.71 2.13
CA ALA A 349 -21.43 -18.10 2.51
C ALA A 349 -22.47 -18.45 3.56
N VAL A 350 -22.69 -17.57 4.53
CA VAL A 350 -23.71 -17.85 5.54
C VAL A 350 -25.11 -17.62 5.00
N GLN A 351 -25.26 -16.84 3.93
CA GLN A 351 -26.58 -16.75 3.29
C GLN A 351 -26.88 -17.98 2.44
N ILE A 352 -25.87 -18.53 1.76
CA ILE A 352 -26.08 -19.70 0.93
C ILE A 352 -26.35 -20.93 1.78
N GLY A 353 -25.54 -21.12 2.83
CA GLY A 353 -25.74 -22.26 3.70
C GLY A 353 -27.08 -22.24 4.41
N LYS A 354 -27.60 -21.06 4.71
CA LYS A 354 -28.93 -20.94 5.29
C LYS A 354 -30.00 -21.41 4.31
N ALA A 355 -29.82 -21.13 3.02
CA ALA A 355 -30.83 -21.48 2.03
C ALA A 355 -30.98 -22.99 1.86
N GLY A 356 -29.88 -23.74 1.92
CA GLY A 356 -29.97 -25.18 1.76
C GLY A 356 -30.60 -25.89 2.93
N LEU A 357 -30.51 -25.29 4.13
CA LEU A 357 -31.14 -25.88 5.30
C LEU A 357 -32.66 -25.90 5.16
N VAL A 358 -33.23 -24.83 4.61
CA VAL A 358 -34.67 -24.79 4.38
C VAL A 358 -35.07 -25.87 3.38
N MET A 359 -34.26 -26.09 2.34
CA MET A 359 -34.58 -27.11 1.36
C MET A 359 -34.50 -28.51 1.97
N SER A 360 -33.49 -28.76 2.80
CA SER A 360 -33.40 -30.05 3.48
C SER A 360 -34.59 -30.28 4.41
N ALA A 361 -34.99 -29.25 5.15
CA ALA A 361 -36.17 -29.37 6.00
C ALA A 361 -37.41 -29.66 5.17
N ILE A 362 -37.52 -29.01 4.00
CA ILE A 362 -38.66 -29.26 3.13
C ILE A 362 -38.68 -30.72 2.68
N THR A 363 -37.53 -31.24 2.26
CA THR A 363 -37.49 -32.63 1.80
C THR A 363 -37.90 -33.59 2.91
N VAL A 364 -37.32 -33.41 4.10
CA VAL A 364 -37.62 -34.35 5.18
C VAL A 364 -39.07 -34.26 5.59
N ILE A 365 -39.62 -33.03 5.67
CA ILE A 365 -41.01 -32.86 6.09
C ILE A 365 -41.96 -33.48 5.07
N ILE A 366 -41.74 -33.18 3.79
CA ILE A 366 -42.65 -33.68 2.75
C ILE A 366 -42.60 -35.20 2.68
N LEU A 367 -41.40 -35.78 2.73
CA LEU A 367 -41.29 -37.23 2.63
C LEU A 367 -41.91 -37.92 3.85
N VAL A 368 -41.65 -37.41 5.05
CA VAL A 368 -42.23 -38.01 6.25
C VAL A 368 -43.74 -37.89 6.23
N LEU A 369 -44.27 -36.74 5.81
CA LEU A 369 -45.71 -36.56 5.72
C LEU A 369 -46.32 -37.53 4.70
N TYR A 370 -45.66 -37.70 3.55
CA TYR A 370 -46.15 -38.64 2.55
C TYR A 370 -46.19 -40.05 3.11
N PHE A 371 -45.12 -40.47 3.78
CA PHE A 371 -45.09 -41.81 4.36
C PHE A 371 -46.21 -42.00 5.38
N THR A 372 -46.37 -41.03 6.28
CA THR A 372 -47.38 -41.16 7.33
C THR A 372 -48.78 -41.19 6.74
N VAL A 373 -49.06 -40.34 5.75
CA VAL A 373 -50.39 -40.29 5.16
C VAL A 373 -50.67 -41.57 4.38
N ASP A 374 -49.71 -42.02 3.57
CA ASP A 374 -49.92 -43.22 2.77
C ASP A 374 -50.12 -44.45 3.65
N THR A 375 -49.34 -44.57 4.73
CA THR A 375 -49.50 -45.70 5.62
C THR A 375 -50.84 -45.66 6.35
N PHE A 376 -51.28 -44.48 6.78
CA PHE A 376 -52.46 -44.34 7.61
C PHE A 376 -53.71 -43.94 6.82
N VAL A 377 -53.75 -44.27 5.53
CA VAL A 377 -54.94 -43.98 4.73
C VAL A 377 -55.57 -45.30 4.26
N VAL A 378 -54.76 -46.34 4.14
CA VAL A 378 -55.26 -47.64 3.71
C VAL A 378 -55.59 -48.53 4.91
N ASN A 379 -54.79 -48.46 5.96
CA ASN A 379 -55.03 -49.23 7.18
C ASN A 379 -54.53 -48.42 8.36
N LYS A 380 -54.62 -49.00 9.55
CA LYS A 380 -54.14 -48.36 10.77
C LYS A 380 -53.22 -49.30 11.52
N LYS A 381 -52.03 -48.81 11.85
CA LYS A 381 -51.05 -49.57 12.60
C LYS A 381 -51.46 -49.68 14.06
N PRO A 382 -50.89 -50.64 14.81
CA PRO A 382 -51.29 -50.81 16.21
C PRO A 382 -51.14 -49.55 17.06
N TRP A 383 -50.08 -48.77 16.83
CA TRP A 383 -49.88 -47.46 17.47
C TRP A 383 -49.54 -47.61 18.95
N LEU A 384 -49.60 -48.82 19.48
CA LEU A 384 -49.44 -49.01 20.92
C LEU A 384 -47.99 -49.35 21.31
N THR A 385 -47.48 -50.48 20.81
CA THR A 385 -46.16 -50.95 21.20
C THR A 385 -45.22 -51.21 20.02
N GLU A 386 -45.68 -51.02 18.79
CA GLU A 386 -44.85 -51.27 17.62
C GLU A 386 -43.90 -50.12 17.32
N CYS A 387 -43.99 -49.00 18.05
CA CYS A 387 -43.19 -47.82 17.77
C CYS A 387 -41.74 -47.95 18.20
N THR A 388 -41.41 -48.90 19.06
CA THR A 388 -40.06 -49.01 19.59
C THR A 388 -39.08 -49.61 18.58
N PRO A 389 -39.31 -50.84 18.05
CA PRO A 389 -38.25 -51.50 17.29
C PRO A 389 -37.92 -50.88 15.94
N VAL A 390 -38.92 -50.65 15.10
CA VAL A 390 -38.68 -50.36 13.68
C VAL A 390 -39.24 -49.02 13.24
N TYR A 391 -40.10 -48.36 14.02
CA TYR A 391 -40.69 -47.11 13.55
C TYR A 391 -39.64 -46.00 13.46
N VAL A 392 -38.69 -45.98 14.40
CA VAL A 392 -37.70 -44.91 14.43
C VAL A 392 -36.72 -45.03 13.27
N GLN A 393 -36.52 -46.25 12.75
CA GLN A 393 -35.60 -46.45 11.63
C GLN A 393 -36.08 -45.75 10.37
N TYR A 394 -37.40 -45.77 10.13
CA TYR A 394 -37.94 -45.04 8.99
C TYR A 394 -37.56 -43.57 9.06
N PHE A 395 -37.78 -42.95 10.22
CA PHE A 395 -37.48 -41.52 10.37
C PHE A 395 -35.99 -41.24 10.31
N VAL A 396 -35.15 -42.15 10.79
CA VAL A 396 -33.71 -41.91 10.68
C VAL A 396 -33.27 -41.97 9.22
N LYS A 397 -33.86 -42.88 8.45
CA LYS A 397 -33.55 -42.92 7.01
C LYS A 397 -34.05 -41.65 6.32
N PHE A 398 -35.21 -41.15 6.72
CA PHE A 398 -35.71 -39.91 6.14
C PHE A 398 -34.78 -38.74 6.48
N PHE A 399 -34.25 -38.72 7.71
CA PHE A 399 -33.29 -37.68 8.09
C PHE A 399 -32.02 -37.78 7.25
N ILE A 400 -31.55 -39.01 6.98
CA ILE A 400 -30.38 -39.18 6.12
C ILE A 400 -30.68 -38.66 4.71
N ILE A 401 -31.88 -38.95 4.20
CA ILE A 401 -32.26 -38.46 2.87
C ILE A 401 -32.29 -36.94 2.83
N GLY A 402 -32.75 -36.32 3.92
CA GLY A 402 -32.73 -34.86 3.98
C GLY A 402 -31.32 -34.29 4.06
N VAL A 403 -30.44 -34.94 4.81
CA VAL A 403 -29.08 -34.45 4.96
C VAL A 403 -28.32 -34.57 3.64
N THR A 404 -28.56 -35.65 2.88
CA THR A 404 -27.88 -35.80 1.61
C THR A 404 -28.34 -34.78 0.58
N VAL A 405 -29.48 -34.12 0.81
CA VAL A 405 -29.87 -32.98 -0.01
C VAL A 405 -29.24 -31.70 0.53
N LEU A 406 -29.10 -31.61 1.85
CA LEU A 406 -28.43 -30.45 2.43
C LEU A 406 -26.98 -30.35 1.95
N VAL A 407 -26.29 -31.49 1.84
CA VAL A 407 -24.87 -31.47 1.49
C VAL A 407 -24.65 -30.87 0.11
N VAL A 408 -25.55 -31.15 -0.83
CA VAL A 408 -25.34 -30.72 -2.21
C VAL A 408 -25.40 -29.21 -2.33
N ALA A 409 -26.25 -28.56 -1.53
CA ALA A 409 -26.52 -27.14 -1.70
C ALA A 409 -25.27 -26.29 -1.50
N VAL A 410 -24.48 -26.58 -0.48
CA VAL A 410 -23.33 -25.71 -0.17
C VAL A 410 -22.27 -25.86 -1.26
N PRO A 411 -21.64 -24.77 -1.71
CA PRO A 411 -20.58 -24.86 -2.71
C PRO A 411 -19.25 -25.21 -2.07
N GLU A 412 -18.74 -26.41 -2.39
CA GLU A 412 -17.49 -26.88 -1.80
C GLU A 412 -16.26 -26.42 -2.57
N GLY A 413 -16.43 -25.82 -3.74
CA GLY A 413 -15.31 -25.35 -4.54
C GLY A 413 -15.09 -23.86 -4.53
N LEU A 414 -15.91 -23.10 -3.78
CA LEU A 414 -15.74 -21.65 -3.77
C LEU A 414 -14.43 -21.21 -3.15
N PRO A 415 -14.01 -21.68 -1.96
CA PRO A 415 -12.75 -21.17 -1.38
C PRO A 415 -11.54 -21.42 -2.25
N LEU A 416 -11.41 -22.63 -2.82
CA LEU A 416 -10.25 -22.93 -3.63
C LEU A 416 -10.20 -22.06 -4.88
N ALA A 417 -11.36 -21.87 -5.52
CA ALA A 417 -11.41 -21.04 -6.72
C ALA A 417 -11.07 -19.59 -6.41
N VAL A 418 -11.61 -19.05 -5.32
CA VAL A 418 -11.30 -17.68 -4.94
C VAL A 418 -9.82 -17.53 -4.65
N THR A 419 -9.24 -18.49 -3.93
CA THR A 419 -7.81 -18.43 -3.61
C THR A 419 -6.97 -18.49 -4.87
N ILE A 420 -7.34 -19.35 -5.82
CA ILE A 420 -6.57 -19.46 -7.06
C ILE A 420 -6.63 -18.16 -7.86
N SER A 421 -7.83 -17.57 -7.96
CA SER A 421 -7.95 -16.31 -8.69
C SER A 421 -7.12 -15.22 -8.02
N LEU A 422 -7.18 -15.12 -6.69
CA LEU A 422 -6.41 -14.11 -5.98
C LEU A 422 -4.91 -14.33 -6.15
N ALA A 423 -4.47 -15.59 -6.10
CA ALA A 423 -3.04 -15.88 -6.26
C ALA A 423 -2.56 -15.49 -7.65
N TYR A 424 -3.35 -15.81 -8.67
CA TYR A 424 -2.97 -15.43 -10.04
C TYR A 424 -2.90 -13.92 -10.18
N SER A 425 -3.87 -13.20 -9.61
CA SER A 425 -3.85 -11.74 -9.69
C SER A 425 -2.63 -11.17 -8.97
N VAL A 426 -2.31 -11.70 -7.79
CA VAL A 426 -1.15 -11.22 -7.05
C VAL A 426 0.13 -11.46 -7.84
N LYS A 427 0.27 -12.64 -8.43
CA LYS A 427 1.45 -12.93 -9.24
C LYS A 427 1.54 -12.01 -10.45
N LYS A 428 0.40 -11.69 -11.06
CA LYS A 428 0.42 -10.81 -12.22
C LYS A 428 0.68 -9.37 -11.83
N MET A 429 0.37 -8.98 -10.59
CA MET A 429 0.59 -7.61 -10.16
C MET A 429 2.04 -7.29 -9.84
N MET A 430 2.85 -8.31 -9.51
CA MET A 430 4.25 -8.07 -9.18
C MET A 430 5.03 -7.50 -10.35
N LYS A 431 4.58 -7.72 -11.59
CA LYS A 431 5.24 -7.14 -12.74
C LYS A 431 5.03 -5.63 -12.85
N ASP A 432 4.14 -5.06 -12.04
CA ASP A 432 3.95 -3.61 -11.95
C ASP A 432 4.56 -3.04 -10.68
N ASN A 433 5.48 -3.77 -10.05
CA ASN A 433 6.23 -3.34 -8.88
C ASN A 433 5.38 -3.20 -7.63
N ASN A 434 4.27 -3.93 -7.55
CA ASN A 434 3.44 -3.99 -6.35
C ASN A 434 3.65 -5.35 -5.69
N LEU A 435 4.10 -5.34 -4.45
CA LEU A 435 4.43 -6.57 -3.71
C LEU A 435 3.39 -6.77 -2.62
N VAL A 436 2.29 -7.44 -2.96
CA VAL A 436 1.25 -7.71 -1.97
C VAL A 436 1.72 -8.77 -1.00
N ARG A 437 1.44 -8.57 0.28
CA ARG A 437 1.98 -9.42 1.34
C ARG A 437 0.96 -10.37 1.96
N HIS A 438 -0.33 -10.06 1.91
CA HIS A 438 -1.33 -10.86 2.60
C HIS A 438 -2.22 -11.67 1.68
N LEU A 439 -2.20 -11.41 0.37
CA LEU A 439 -2.93 -12.15 -0.66
C LEU A 439 -4.43 -11.87 -0.61
N ASP A 440 -4.90 -11.18 0.43
CA ASP A 440 -6.28 -10.74 0.48
C ASP A 440 -6.43 -9.23 0.45
N ALA A 441 -5.33 -8.49 0.49
CA ALA A 441 -5.34 -7.05 0.28
C ALA A 441 -5.23 -6.69 -1.20
N CYS A 442 -5.35 -7.67 -2.09
CA CYS A 442 -5.29 -7.40 -3.52
C CYS A 442 -6.51 -6.63 -4.00
N GLU A 443 -7.68 -6.90 -3.41
CA GLU A 443 -8.92 -6.28 -3.86
C GLU A 443 -9.29 -5.02 -3.08
N THR A 444 -8.72 -4.83 -1.89
CA THR A 444 -9.17 -3.73 -1.02
C THR A 444 -8.93 -2.37 -1.64
N MET A 445 -7.96 -2.24 -2.56
CA MET A 445 -7.67 -0.95 -3.16
C MET A 445 -8.64 -0.58 -4.27
N GLY A 446 -9.33 -1.56 -4.86
CA GLY A 446 -10.20 -1.27 -5.98
C GLY A 446 -11.34 -0.34 -5.63
N ASN A 447 -11.97 -0.56 -4.47
CA ASN A 447 -13.12 0.22 -4.04
C ASN A 447 -12.73 1.34 -3.07
N ALA A 448 -11.50 1.83 -3.16
CA ALA A 448 -11.05 2.89 -2.27
C ALA A 448 -11.85 4.17 -2.55
N THR A 449 -12.12 4.93 -1.48
CA THR A 449 -12.85 6.17 -1.60
C THR A 449 -12.07 7.38 -1.11
N ALA A 450 -10.94 7.19 -0.46
CA ALA A 450 -10.11 8.31 -0.02
C ALA A 450 -8.67 7.85 0.07
N ILE A 451 -7.75 8.77 -0.22
CA ILE A 451 -6.32 8.54 -0.11
C ILE A 451 -5.71 9.68 0.71
N CYS A 452 -4.89 9.32 1.70
CA CYS A 452 -4.21 10.31 2.54
C CYS A 452 -2.71 10.13 2.32
N SER A 453 -2.10 11.03 1.56
CA SER A 453 -0.71 10.87 1.15
C SER A 453 0.20 11.86 1.87
N ASP A 454 1.36 11.36 2.31
CA ASP A 454 2.38 12.20 2.93
C ASP A 454 3.03 13.11 1.88
N LYS A 455 3.41 14.32 2.31
CA LYS A 455 4.00 15.26 1.36
C LYS A 455 5.46 14.92 1.07
N THR A 456 6.30 14.96 2.08
CA THR A 456 7.73 14.74 1.89
C THR A 456 8.01 13.26 1.67
N GLY A 457 8.74 12.96 0.61
CA GLY A 457 9.07 11.57 0.29
C GLY A 457 8.10 10.95 -0.69
N THR A 458 6.80 11.05 -0.42
CA THR A 458 5.81 10.43 -1.28
C THR A 458 5.49 11.30 -2.50
N LEU A 459 4.95 12.49 -2.26
CA LEU A 459 4.62 13.37 -3.38
C LEU A 459 5.83 14.12 -3.91
N THR A 460 6.82 14.39 -3.07
CA THR A 460 8.00 15.15 -3.45
C THR A 460 9.23 14.28 -3.36
N THR A 461 10.21 14.57 -4.23
CA THR A 461 11.41 13.75 -4.34
C THR A 461 12.33 13.86 -3.13
N ASN A 462 12.07 14.79 -2.21
CA ASN A 462 12.85 14.95 -0.98
C ASN A 462 14.31 15.29 -1.28
N ARG A 463 14.56 16.02 -2.35
CA ARG A 463 15.90 16.46 -2.69
C ARG A 463 15.84 17.86 -3.28
N MET A 464 16.63 18.78 -2.71
CA MET A 464 16.62 20.15 -3.17
C MET A 464 17.31 20.26 -4.52
N THR A 465 16.57 20.72 -5.53
CA THR A 465 17.10 20.87 -6.88
C THR A 465 16.68 22.24 -7.42
N VAL A 466 17.46 22.74 -8.38
CA VAL A 466 17.16 24.02 -9.00
C VAL A 466 16.05 23.82 -10.03
N VAL A 467 14.94 24.52 -9.84
CA VAL A 467 13.79 24.38 -10.73
C VAL A 467 13.89 25.33 -11.91
N GLN A 468 14.10 26.62 -11.64
CA GLN A 468 14.20 27.62 -12.69
C GLN A 468 15.38 28.54 -12.39
N ALA A 469 15.92 29.14 -13.45
CA ALA A 469 17.11 29.97 -13.33
C ALA A 469 16.93 31.26 -14.10
N TYR A 470 17.79 32.24 -13.79
CA TYR A 470 17.76 33.55 -14.42
C TYR A 470 19.21 33.92 -14.72
N VAL A 471 19.62 33.78 -15.99
CA VAL A 471 20.99 33.98 -16.40
C VAL A 471 21.04 34.94 -17.58
N GLY A 472 21.96 35.90 -17.53
CA GLY A 472 22.16 36.82 -18.64
C GLY A 472 20.95 37.70 -18.92
N ASP A 473 20.17 38.04 -17.90
CA ASP A 473 18.98 38.87 -18.04
C ASP A 473 17.96 38.25 -18.99
N VAL A 474 17.98 36.92 -19.11
CA VAL A 474 17.01 36.18 -19.92
C VAL A 474 16.43 35.10 -19.04
N HIS A 475 15.17 35.27 -18.65
CA HIS A 475 14.52 34.32 -17.74
C HIS A 475 14.32 32.97 -18.43
N TYR A 476 14.75 31.90 -17.77
CA TYR A 476 14.57 30.53 -18.25
C TYR A 476 13.68 29.81 -17.25
N LYS A 477 12.45 29.50 -17.66
CA LYS A 477 11.54 28.74 -16.80
C LYS A 477 11.93 27.27 -16.68
N GLU A 478 12.83 26.79 -17.53
CA GLU A 478 13.27 25.40 -17.51
C GLU A 478 14.79 25.37 -17.60
N ILE A 479 15.37 24.26 -17.15
CA ILE A 479 16.82 24.08 -17.18
C ILE A 479 17.28 24.11 -18.64
N PRO A 480 18.16 25.04 -19.01
CA PRO A 480 18.51 25.22 -20.42
C PRO A 480 19.66 24.33 -20.86
N ASP A 481 19.80 24.22 -22.17
CA ASP A 481 20.97 23.59 -22.75
C ASP A 481 22.21 24.45 -22.45
N PRO A 482 23.34 23.84 -22.09
CA PRO A 482 24.55 24.65 -21.86
C PRO A 482 24.98 25.45 -23.07
N SER A 483 24.63 25.03 -24.28
CA SER A 483 24.96 25.78 -25.48
C SER A 483 24.06 26.98 -25.70
N SER A 484 23.02 27.15 -24.87
CA SER A 484 22.09 28.26 -25.08
C SER A 484 22.79 29.61 -24.91
N ILE A 485 23.25 29.90 -23.69
CA ILE A 485 23.93 31.17 -23.45
C ILE A 485 25.30 31.18 -24.12
N ASN A 486 26.07 30.10 -23.94
CA ASN A 486 27.33 29.85 -24.65
C ASN A 486 28.26 31.07 -24.59
N ALA A 487 28.68 31.41 -23.38
CA ALA A 487 29.57 32.54 -23.16
C ALA A 487 30.48 32.24 -21.97
N LYS A 488 31.24 33.25 -21.55
CA LYS A 488 32.08 33.14 -20.37
C LYS A 488 31.27 33.00 -19.08
N THR A 489 29.98 33.33 -19.14
CA THR A 489 29.13 33.21 -17.95
C THR A 489 29.08 31.76 -17.45
N LEU A 490 29.07 30.80 -18.37
CA LEU A 490 28.98 29.40 -17.97
C LEU A 490 30.18 29.00 -17.13
N GLU A 491 31.39 29.25 -17.64
CA GLU A 491 32.59 28.86 -16.90
C GLU A 491 32.72 29.67 -15.61
N LEU A 492 32.38 30.96 -15.66
CA LEU A 492 32.48 31.77 -14.45
C LEU A 492 31.53 31.28 -13.37
N LEU A 493 30.29 30.97 -13.73
CA LEU A 493 29.32 30.41 -12.79
C LEU A 493 29.82 29.08 -12.22
N VAL A 494 30.30 28.19 -13.10
CA VAL A 494 30.75 26.88 -12.65
C VAL A 494 31.87 27.05 -11.64
N ASN A 495 32.83 27.91 -11.94
CA ASN A 495 33.94 28.16 -11.03
C ASN A 495 33.44 28.73 -9.70
N ALA A 496 32.50 29.68 -9.76
CA ALA A 496 31.99 30.28 -8.52
C ALA A 496 31.31 29.24 -7.65
N ILE A 497 30.42 28.44 -8.24
CA ILE A 497 29.68 27.43 -7.49
C ILE A 497 30.61 26.39 -6.90
N ALA A 498 31.58 25.92 -7.70
CA ALA A 498 32.50 24.89 -7.23
C ALA A 498 33.41 25.41 -6.12
N ILE A 499 34.04 26.56 -6.33
CA ILE A 499 35.02 27.06 -5.37
C ILE A 499 34.33 27.53 -4.09
N ASN A 500 33.24 28.28 -4.23
CA ASN A 500 32.66 28.94 -3.06
C ASN A 500 32.07 27.93 -2.08
N SER A 501 31.48 26.86 -2.57
CA SER A 501 30.88 25.87 -1.70
C SER A 501 31.94 25.10 -0.93
N ALA A 502 31.57 24.62 0.25
CA ALA A 502 32.50 23.87 1.09
C ALA A 502 32.88 22.55 0.42
N TYR A 503 34.17 22.21 0.50
CA TYR A 503 34.69 21.03 -0.19
C TYR A 503 34.15 19.73 0.41
N THR A 504 33.69 19.75 1.66
CA THR A 504 33.07 18.56 2.22
C THR A 504 31.75 18.24 1.53
N THR A 505 31.01 19.27 1.11
CA THR A 505 29.77 19.05 0.36
C THR A 505 30.09 18.54 -1.03
N LYS A 506 29.64 17.33 -1.33
CA LYS A 506 29.87 16.72 -2.64
C LYS A 506 28.72 15.78 -2.94
N ILE A 507 28.52 15.52 -4.23
CA ILE A 507 27.45 14.64 -4.70
C ILE A 507 28.08 13.35 -5.19
N LEU A 508 27.48 12.23 -4.82
CA LEU A 508 28.04 10.93 -5.13
C LEU A 508 27.06 10.08 -5.93
N PRO A 509 27.53 9.29 -6.88
CA PRO A 509 26.63 8.42 -7.65
C PRO A 509 26.02 7.36 -6.76
N PRO A 510 24.84 6.86 -7.11
CA PRO A 510 24.22 5.80 -6.30
C PRO A 510 25.01 4.51 -6.27
N GLU A 511 25.90 4.30 -7.25
CA GLU A 511 26.66 3.05 -7.45
C GLU A 511 25.78 1.83 -7.25
N LYS A 512 24.53 1.93 -7.69
CA LYS A 512 23.55 0.87 -7.55
C LYS A 512 22.73 0.81 -8.83
N GLU A 513 21.61 0.09 -8.78
CA GLU A 513 20.72 -0.06 -9.93
C GLU A 513 19.39 0.58 -9.60
N GLY A 514 18.96 1.53 -10.44
CA GLY A 514 17.68 2.18 -10.27
C GLY A 514 17.52 2.95 -8.97
N ALA A 515 18.51 3.76 -8.62
CA ALA A 515 18.47 4.55 -7.40
C ALA A 515 18.85 5.99 -7.69
N LEU A 516 18.38 6.90 -6.84
CA LEU A 516 18.67 8.31 -6.98
C LEU A 516 20.03 8.65 -6.34
N PRO A 517 20.75 9.62 -6.90
CA PRO A 517 22.04 10.00 -6.32
C PRO A 517 21.89 10.49 -4.88
N ARG A 518 22.87 10.15 -4.06
CA ARG A 518 22.85 10.49 -2.64
C ARG A 518 23.45 11.87 -2.41
N GLN A 519 22.97 12.54 -1.38
CA GLN A 519 23.45 13.86 -0.98
C GLN A 519 23.88 13.80 0.47
N VAL A 520 25.17 14.00 0.73
CA VAL A 520 25.72 13.88 2.08
C VAL A 520 25.78 15.22 2.79
N GLY A 521 26.38 16.22 2.16
CA GLY A 521 26.59 17.51 2.78
C GLY A 521 25.35 18.37 2.84
N ASN A 522 25.56 19.65 3.15
CA ASN A 522 24.47 20.63 3.22
C ASN A 522 23.71 20.67 1.90
N LYS A 523 22.43 20.32 1.93
CA LYS A 523 21.66 20.17 0.69
C LYS A 523 20.99 21.47 0.26
N THR A 524 21.29 22.57 0.93
CA THR A 524 20.91 23.88 0.42
C THR A 524 21.83 24.37 -0.69
N GLU A 525 23.12 24.04 -0.61
CA GLU A 525 24.06 24.33 -1.68
C GLU A 525 24.51 23.04 -2.38
N CYS A 526 23.69 21.99 -2.30
CA CYS A 526 23.96 20.77 -3.07
C CYS A 526 23.10 20.68 -4.31
N GLY A 527 21.94 21.32 -4.31
CA GLY A 527 21.17 21.50 -5.51
C GLY A 527 21.83 22.54 -6.39
N LEU A 528 22.44 23.55 -5.77
CA LEU A 528 23.21 24.52 -6.53
C LEU A 528 24.41 23.87 -7.19
N LEU A 529 25.07 22.94 -6.48
CA LEU A 529 26.16 22.18 -7.07
C LEU A 529 25.65 21.24 -8.16
N GLY A 530 24.52 20.59 -7.93
CA GLY A 530 23.92 19.75 -8.96
C GLY A 530 23.43 20.51 -10.18
N PHE A 531 23.20 21.81 -10.03
CA PHE A 531 22.85 22.64 -11.19
C PHE A 531 23.97 22.59 -12.23
N VAL A 532 25.23 22.54 -11.79
CA VAL A 532 26.35 22.40 -12.70
C VAL A 532 26.28 21.08 -13.47
N LEU A 533 25.99 19.99 -12.77
CA LEU A 533 25.84 18.70 -13.43
C LEU A 533 24.66 18.71 -14.40
N ASP A 534 23.57 19.40 -14.03
CA ASP A 534 22.44 19.58 -14.94
C ASP A 534 22.83 20.40 -16.16
N LEU A 535 23.83 21.27 -16.04
CA LEU A 535 24.37 21.98 -17.19
C LEU A 535 25.42 21.19 -17.94
N ARG A 536 25.62 19.92 -17.57
CA ARG A 536 26.56 19.01 -18.23
C ARG A 536 27.98 19.56 -18.19
N GLN A 537 28.48 19.77 -16.97
CA GLN A 537 29.85 20.21 -16.76
C GLN A 537 30.54 19.31 -15.74
N ASP A 538 31.74 19.69 -15.32
CA ASP A 538 32.51 18.93 -14.34
C ASP A 538 33.00 19.87 -13.25
N TYR A 539 32.53 19.66 -12.02
CA TYR A 539 32.93 20.50 -10.90
C TYR A 539 34.16 19.98 -10.18
N GLU A 540 34.37 18.65 -10.19
CA GLU A 540 35.45 18.06 -9.42
C GLU A 540 36.85 18.55 -9.83
N PRO A 541 37.19 18.65 -11.12
CA PRO A 541 38.55 19.14 -11.46
C PRO A 541 38.85 20.52 -10.91
N VAL A 542 37.87 21.42 -10.89
CA VAL A 542 38.11 22.77 -10.40
C VAL A 542 38.49 22.74 -8.92
N ARG A 543 37.77 21.94 -8.13
CA ARG A 543 38.09 21.82 -6.72
C ARG A 543 39.41 21.10 -6.49
N SER A 544 39.70 20.08 -7.31
CA SER A 544 40.95 19.35 -7.14
C SER A 544 42.15 20.22 -7.47
N GLN A 545 42.01 21.13 -8.43
CA GLN A 545 43.10 22.06 -8.73
C GLN A 545 43.40 22.98 -7.54
N MET A 546 42.35 23.49 -6.90
CA MET A 546 42.52 24.43 -5.79
C MET A 546 42.02 23.83 -4.49
N PRO A 547 42.87 23.22 -3.68
CA PRO A 547 42.45 22.80 -2.33
C PRO A 547 42.37 23.97 -1.36
N GLU A 548 42.15 23.68 -0.08
CA GLU A 548 41.99 24.74 0.92
C GLU A 548 43.27 25.56 1.08
N GLU A 549 44.43 24.91 1.06
CA GLU A 549 45.68 25.62 1.30
C GLU A 549 45.96 26.65 0.21
N LYS A 550 45.47 26.41 -1.01
CA LYS A 550 45.62 27.37 -2.10
C LYS A 550 44.52 28.43 -2.11
N LEU A 551 43.49 28.27 -1.28
CA LEU A 551 42.50 29.32 -1.08
C LEU A 551 43.01 30.28 -0.02
N TYR A 552 43.20 31.55 -0.42
CA TYR A 552 43.82 32.52 0.47
C TYR A 552 42.97 32.78 1.70
N LYS A 553 41.77 33.32 1.52
CA LYS A 553 40.91 33.73 2.63
C LYS A 553 39.50 33.21 2.40
N VAL A 554 38.89 32.72 3.49
CA VAL A 554 37.54 32.18 3.47
C VAL A 554 36.69 32.94 4.47
N TYR A 555 35.53 33.39 4.03
CA TYR A 555 34.56 34.07 4.90
C TYR A 555 33.45 33.09 5.21
N THR A 556 33.55 32.44 6.37
CA THR A 556 32.56 31.45 6.77
C THR A 556 31.23 32.13 7.09
N PHE A 557 30.17 31.32 7.05
CA PHE A 557 28.84 31.83 7.37
C PHE A 557 28.77 32.31 8.80
N ASN A 558 28.13 33.47 9.01
CA ASN A 558 28.01 34.07 10.33
C ASN A 558 26.57 34.51 10.55
N SER A 559 26.21 34.64 11.83
CA SER A 559 24.84 35.01 12.17
C SER A 559 24.53 36.46 11.81
N VAL A 560 25.52 37.35 11.86
CA VAL A 560 25.27 38.76 11.61
C VAL A 560 24.83 38.99 10.17
N ARG A 561 25.59 38.44 9.22
CA ARG A 561 25.29 38.59 7.79
C ARG A 561 25.07 37.20 7.20
N LYS A 562 23.92 37.02 6.55
CA LYS A 562 23.56 35.73 5.95
C LYS A 562 24.19 35.63 4.55
N SER A 563 25.52 35.51 4.53
CA SER A 563 26.25 35.40 3.29
C SER A 563 27.57 34.67 3.55
N MET A 564 28.06 34.00 2.51
CA MET A 564 29.33 33.28 2.55
C MET A 564 30.13 33.62 1.31
N SER A 565 31.44 33.77 1.46
CA SER A 565 32.28 34.20 0.34
C SER A 565 33.67 33.59 0.48
N THR A 566 34.40 33.56 -0.64
CA THR A 566 35.78 33.13 -0.68
C THR A 566 36.52 33.95 -1.73
N VAL A 567 37.84 34.03 -1.59
CA VAL A 567 38.68 34.79 -2.50
C VAL A 567 39.88 33.94 -2.92
N ILE A 568 40.12 33.87 -4.22
CA ILE A 568 41.26 33.14 -4.79
C ILE A 568 42.10 34.11 -5.61
N LYS A 569 43.42 34.05 -5.41
CA LYS A 569 44.35 34.95 -6.07
C LYS A 569 45.20 34.27 -7.14
N MET A 570 44.90 33.02 -7.48
CA MET A 570 45.72 32.27 -8.42
C MET A 570 45.73 32.83 -9.85
N PRO A 571 44.59 33.17 -10.47
CA PRO A 571 44.57 33.26 -11.95
C PRO A 571 45.60 34.20 -12.54
N ASP A 572 45.87 35.33 -11.91
CA ASP A 572 46.93 36.23 -12.35
C ASP A 572 47.42 37.00 -11.13
N GLU A 573 48.19 38.06 -11.37
CA GLU A 573 48.60 38.93 -10.27
C GLU A 573 47.40 39.60 -9.63
N SER A 574 46.36 39.88 -10.41
CA SER A 574 45.13 40.41 -9.86
C SER A 574 44.39 39.34 -9.08
N PHE A 575 43.42 39.78 -8.28
CA PHE A 575 42.68 38.91 -7.38
C PHE A 575 41.27 38.66 -7.89
N ARG A 576 40.61 37.67 -7.29
CA ARG A 576 39.25 37.29 -7.67
C ARG A 576 38.51 36.82 -6.43
N MET A 577 37.25 37.25 -6.30
CA MET A 577 36.43 36.92 -5.16
C MET A 577 35.06 36.43 -5.63
N TYR A 578 34.50 35.45 -4.92
CA TYR A 578 33.18 34.92 -5.20
C TYR A 578 32.32 35.00 -3.94
N SER A 579 31.03 35.24 -4.14
CA SER A 579 30.09 35.39 -3.03
C SER A 579 28.80 34.65 -3.34
N LYS A 580 28.23 34.02 -2.33
CA LYS A 580 26.97 33.31 -2.45
C LYS A 580 26.16 33.52 -1.17
N GLY A 581 24.87 33.80 -1.34
CA GLY A 581 24.02 34.04 -0.18
C GLY A 581 22.59 34.25 -0.60
N ALA A 582 21.79 34.73 0.35
CA ALA A 582 20.38 34.98 0.10
C ALA A 582 20.20 36.04 -0.97
N SER A 583 18.98 36.13 -1.51
CA SER A 583 18.73 37.01 -2.64
C SER A 583 18.91 38.47 -2.27
N GLU A 584 18.06 38.98 -1.37
CA GLU A 584 18.09 40.40 -1.07
C GLU A 584 19.35 40.81 -0.32
N ILE A 585 19.95 39.89 0.44
CA ILE A 585 21.17 40.23 1.17
C ILE A 585 22.28 40.60 0.21
N VAL A 586 22.44 39.84 -0.87
CA VAL A 586 23.53 40.10 -1.81
C VAL A 586 23.13 41.10 -2.89
N LEU A 587 21.84 41.15 -3.26
CA LEU A 587 21.42 42.08 -4.30
C LEU A 587 21.64 43.53 -3.89
N LYS A 588 21.32 43.87 -2.64
CA LYS A 588 21.55 45.24 -2.18
C LYS A 588 23.03 45.57 -2.10
N LYS A 589 23.89 44.57 -1.94
CA LYS A 589 25.33 44.76 -1.95
C LYS A 589 25.93 44.52 -3.34
N CYS A 590 25.14 44.71 -4.39
CA CYS A 590 25.56 44.44 -5.76
C CYS A 590 25.52 45.73 -6.57
N CYS A 591 26.59 46.00 -7.32
CA CYS A 591 26.69 47.22 -8.09
C CYS A 591 26.66 47.03 -9.60
N LYS A 592 26.90 45.81 -10.09
CA LYS A 592 26.89 45.54 -11.52
C LYS A 592 26.36 44.14 -11.77
N ILE A 593 25.86 43.92 -12.99
CA ILE A 593 25.41 42.60 -13.42
C ILE A 593 25.96 42.32 -14.81
N LEU A 594 25.93 41.05 -15.18
CA LEU A 594 26.25 40.65 -16.54
C LEU A 594 24.99 40.60 -17.38
N SER A 595 25.12 40.92 -18.66
CA SER A 595 23.99 40.98 -19.59
C SER A 595 24.31 40.09 -20.80
N GLY A 596 23.75 38.88 -20.80
CA GLY A 596 23.97 37.96 -21.90
C GLY A 596 25.44 37.62 -22.05
N ALA A 597 25.91 37.65 -23.30
CA ALA A 597 27.31 37.40 -23.60
C ALA A 597 28.17 38.65 -23.48
N GLY A 598 27.57 39.80 -23.18
CA GLY A 598 28.30 41.04 -23.05
C GLY A 598 28.98 41.17 -21.70
N GLU A 599 29.66 42.31 -21.53
CA GLU A 599 30.40 42.59 -20.31
C GLU A 599 29.45 43.06 -19.22
N ALA A 600 30.01 43.57 -18.12
CA ALA A 600 29.20 44.03 -17.01
C ALA A 600 28.51 45.35 -17.34
N ARG A 601 27.40 45.60 -16.67
CA ARG A 601 26.65 46.84 -16.80
C ARG A 601 26.24 47.33 -15.42
N VAL A 602 25.96 48.63 -15.33
CA VAL A 602 25.73 49.26 -14.04
C VAL A 602 24.40 48.79 -13.47
N PHE A 603 24.45 48.20 -12.28
CA PHE A 603 23.25 47.80 -11.54
C PHE A 603 22.84 48.89 -10.53
N ARG A 604 22.67 50.10 -11.06
CA ARG A 604 22.26 51.22 -10.21
C ARG A 604 20.87 50.94 -9.65
N PRO A 605 20.63 51.24 -8.36
CA PRO A 605 19.34 50.95 -7.73
C PRO A 605 18.25 51.95 -8.10
N ARG A 606 18.02 52.12 -9.40
CA ARG A 606 16.93 52.92 -9.91
C ARG A 606 16.25 52.16 -11.04
N ASP A 607 15.13 51.51 -10.72
CA ASP A 607 14.23 50.81 -11.65
C ASP A 607 14.84 49.51 -12.15
N ARG A 608 16.13 49.29 -11.92
CA ARG A 608 16.79 48.08 -12.37
C ARG A 608 16.79 47.02 -11.27
N ASP A 609 17.23 47.39 -10.06
CA ASP A 609 16.95 46.56 -8.91
C ASP A 609 15.45 46.35 -8.75
N GLU A 610 14.64 47.34 -9.14
CA GLU A 610 13.20 47.19 -9.08
C GLU A 610 12.70 46.14 -10.07
N MET A 611 13.22 46.13 -11.30
CA MET A 611 12.82 45.09 -12.24
C MET A 611 13.29 43.71 -11.79
N VAL A 612 14.51 43.64 -11.24
CA VAL A 612 15.02 42.35 -10.75
C VAL A 612 14.15 41.85 -9.60
N LYS A 613 13.73 42.74 -8.71
CA LYS A 613 12.78 42.36 -7.67
C LYS A 613 11.44 41.95 -8.28
N LYS A 614 11.04 42.58 -9.38
CA LYS A 614 9.79 42.24 -10.06
C LYS A 614 9.83 40.81 -10.56
N VAL A 615 10.98 40.37 -11.10
CA VAL A 615 11.10 38.98 -11.51
C VAL A 615 11.30 38.03 -10.33
N ILE A 616 11.68 38.56 -9.16
CA ILE A 616 11.86 37.74 -7.97
C ILE A 616 10.52 37.30 -7.40
N GLU A 617 9.53 38.20 -7.43
CA GLU A 617 8.23 37.90 -6.82
C GLU A 617 7.59 36.62 -7.35
N PRO A 618 7.58 36.32 -8.65
CA PRO A 618 7.03 35.02 -9.08
C PRO A 618 7.76 33.83 -8.47
N MET A 619 9.08 33.94 -8.29
CA MET A 619 9.82 32.84 -7.68
C MET A 619 9.37 32.59 -6.25
N ALA A 620 9.13 33.66 -5.48
CA ALA A 620 8.67 33.50 -4.11
C ALA A 620 7.21 33.06 -4.07
N CYS A 621 6.42 33.43 -5.08
CA CYS A 621 5.03 33.01 -5.13
C CYS A 621 4.91 31.51 -5.35
N ASP A 622 5.78 30.94 -6.18
CA ASP A 622 5.75 29.53 -6.49
C ASP A 622 6.42 28.67 -5.41
N GLY A 623 6.80 29.27 -4.27
CA GLY A 623 7.43 28.54 -3.20
C GLY A 623 8.93 28.40 -3.30
N LEU A 624 9.54 28.90 -4.38
CA LEU A 624 10.97 28.74 -4.57
C LEU A 624 11.73 29.75 -3.75
N ARG A 625 12.78 29.28 -3.07
CA ARG A 625 13.69 30.18 -2.36
C ARG A 625 14.78 30.66 -3.32
N THR A 626 15.07 31.96 -3.26
CA THR A 626 15.95 32.61 -4.22
C THR A 626 17.34 32.75 -3.64
N ILE A 627 18.34 32.26 -4.38
CA ILE A 627 19.75 32.37 -4.02
C ILE A 627 20.51 32.88 -5.23
N CYS A 628 21.36 33.88 -5.02
CA CYS A 628 22.10 34.52 -6.10
C CYS A 628 23.60 34.32 -5.91
N VAL A 629 24.33 34.35 -7.02
CA VAL A 629 25.77 34.16 -7.04
C VAL A 629 26.41 35.42 -7.61
N ALA A 630 27.40 35.95 -6.90
CA ALA A 630 28.07 37.19 -7.29
C ALA A 630 29.58 37.00 -7.26
N TYR A 631 30.29 37.98 -7.81
CA TYR A 631 31.75 37.93 -7.84
C TYR A 631 32.28 39.35 -7.97
N ARG A 632 33.54 39.53 -7.59
CA ARG A 632 34.21 40.81 -7.71
C ARG A 632 35.72 40.58 -7.73
N ASP A 633 36.40 41.21 -8.67
CA ASP A 633 37.85 41.08 -8.81
C ASP A 633 38.56 42.29 -8.19
N PHE A 634 39.65 42.02 -7.47
CA PHE A 634 40.40 43.01 -6.72
C PHE A 634 41.72 43.33 -7.42
N PRO A 635 42.08 44.61 -7.54
CA PRO A 635 43.40 44.95 -8.07
C PRO A 635 44.50 44.49 -7.11
N SER A 636 45.63 44.09 -7.71
CA SER A 636 46.76 43.65 -6.90
C SER A 636 47.42 44.81 -6.17
N SER A 637 47.59 45.94 -6.85
CA SER A 637 48.23 47.12 -6.29
C SER A 637 47.21 48.23 -6.15
N PRO A 638 46.94 48.73 -4.93
CA PRO A 638 47.50 48.32 -3.64
C PRO A 638 46.84 47.05 -3.11
N GLU A 639 47.45 46.41 -2.10
CA GLU A 639 46.87 45.22 -1.51
C GLU A 639 45.69 45.61 -0.62
N PRO A 640 44.47 45.14 -0.90
CA PRO A 640 43.32 45.52 -0.06
C PRO A 640 43.43 44.88 1.32
N ASP A 641 42.80 45.55 2.28
CA ASP A 641 42.75 45.06 3.66
C ASP A 641 41.52 44.17 3.81
N TRP A 642 41.75 42.87 4.03
CA TRP A 642 40.63 41.94 4.16
C TRP A 642 39.92 42.10 5.50
N ASP A 643 40.63 42.59 6.52
CA ASP A 643 40.01 42.78 7.83
C ASP A 643 38.83 43.74 7.76
N ASN A 644 38.96 44.79 6.95
CA ASN A 644 37.86 45.74 6.75
C ASN A 644 36.92 45.18 5.70
N GLU A 645 35.85 44.54 6.16
CA GLU A 645 34.87 43.91 5.28
C GLU A 645 33.73 44.85 4.92
N ASN A 646 33.77 46.11 5.37
CA ASN A 646 32.68 47.04 5.11
C ASN A 646 32.48 47.26 3.61
N ASP A 647 33.56 47.52 2.88
CA ASP A 647 33.45 47.86 1.47
C ASP A 647 33.80 46.72 0.53
N ILE A 648 34.64 45.77 0.95
CA ILE A 648 34.99 44.66 0.06
C ILE A 648 33.78 43.76 -0.17
N LEU A 649 32.87 43.67 0.79
CA LEU A 649 31.65 42.89 0.60
C LEU A 649 30.64 43.61 -0.27
N ASN A 650 30.78 44.92 -0.45
CA ASN A 650 29.91 45.67 -1.35
C ASN A 650 30.53 45.72 -2.75
N GLU A 651 29.86 46.44 -3.64
CA GLU A 651 30.31 46.61 -5.03
C GLU A 651 30.52 45.27 -5.72
N LEU A 652 29.65 44.32 -5.44
CA LEU A 652 29.71 43.00 -6.07
C LEU A 652 29.11 43.04 -7.47
N THR A 653 29.31 41.95 -8.21
CA THR A 653 28.77 41.81 -9.56
C THR A 653 28.03 40.48 -9.66
N CYS A 654 26.71 40.54 -9.60
CA CYS A 654 25.90 39.32 -9.67
C CYS A 654 25.93 38.72 -11.07
N ILE A 655 26.02 37.40 -11.13
CA ILE A 655 26.02 36.69 -12.40
C ILE A 655 24.66 36.10 -12.72
N CYS A 656 24.01 35.50 -11.73
CA CYS A 656 22.72 34.86 -11.95
C CYS A 656 21.95 34.79 -10.65
N VAL A 657 20.66 34.52 -10.77
CA VAL A 657 19.79 34.23 -9.64
C VAL A 657 19.04 32.95 -9.94
N VAL A 658 19.11 31.98 -9.04
CA VAL A 658 18.53 30.66 -9.24
C VAL A 658 17.54 30.38 -8.13
N GLY A 659 16.43 29.73 -8.48
CA GLY A 659 15.43 29.30 -7.51
C GLY A 659 15.66 27.86 -7.11
N ILE A 660 15.55 27.60 -5.81
CA ILE A 660 15.79 26.28 -5.23
C ILE A 660 14.49 25.80 -4.59
N GLU A 661 14.09 24.59 -4.92
CA GLU A 661 12.82 24.06 -4.43
C GLU A 661 12.95 22.55 -4.26
N ASP A 662 12.04 22.00 -3.45
CA ASP A 662 11.90 20.56 -3.30
C ASP A 662 10.79 20.10 -4.23
N PRO A 663 11.12 19.65 -5.44
CA PRO A 663 10.11 19.55 -6.49
C PRO A 663 9.23 18.31 -6.34
N VAL A 664 8.09 18.36 -7.04
CA VAL A 664 7.20 17.22 -7.11
C VAL A 664 7.81 16.15 -8.02
N ARG A 665 7.37 14.91 -7.81
CA ARG A 665 7.77 13.84 -8.70
C ARG A 665 7.25 14.10 -10.11
N PRO A 666 7.96 13.64 -11.14
CA PRO A 666 7.55 13.97 -12.52
C PRO A 666 6.17 13.47 -12.89
N GLU A 667 5.71 12.37 -12.30
CA GLU A 667 4.46 11.74 -12.71
C GLU A 667 3.31 11.93 -11.73
N VAL A 668 3.54 12.58 -10.59
CA VAL A 668 2.47 12.76 -9.61
C VAL A 668 1.30 13.58 -10.16
N PRO A 669 1.50 14.72 -10.84
CA PRO A 669 0.33 15.53 -11.23
C PRO A 669 -0.68 14.80 -12.09
N GLU A 670 -0.24 13.89 -12.96
CA GLU A 670 -1.17 13.17 -13.81
C GLU A 670 -1.83 12.01 -13.06
N ALA A 671 -1.07 11.33 -12.20
CA ALA A 671 -1.63 10.19 -11.48
C ALA A 671 -2.77 10.62 -10.56
N ILE A 672 -2.63 11.77 -9.91
CA ILE A 672 -3.70 12.27 -9.06
C ILE A 672 -4.92 12.63 -9.90
N ARG A 673 -4.72 13.15 -11.11
CA ARG A 673 -5.84 13.54 -11.95
C ARG A 673 -6.68 12.33 -12.35
N LYS A 674 -6.03 11.22 -12.69
CA LYS A 674 -6.78 10.02 -13.08
C LYS A 674 -7.54 9.43 -11.90
N CYS A 675 -6.86 9.27 -10.75
CA CYS A 675 -7.52 8.65 -9.61
C CYS A 675 -8.57 9.55 -8.99
N GLN A 676 -8.59 10.83 -9.33
CA GLN A 676 -9.61 11.73 -8.78
C GLN A 676 -10.92 11.64 -9.55
N ARG A 677 -10.88 11.27 -10.82
CA ARG A 677 -12.10 11.10 -11.59
C ARG A 677 -12.75 9.74 -11.37
N ALA A 678 -12.03 8.79 -10.78
CA ALA A 678 -12.57 7.47 -10.46
C ALA A 678 -13.28 7.44 -9.11
N GLY A 679 -13.71 8.60 -8.61
CA GLY A 679 -14.43 8.67 -7.36
C GLY A 679 -13.58 8.71 -6.11
N ILE A 680 -12.26 8.80 -6.25
CA ILE A 680 -11.34 8.80 -5.11
C ILE A 680 -10.87 10.22 -4.87
N THR A 681 -11.21 10.78 -3.70
CA THR A 681 -10.74 12.09 -3.32
C THR A 681 -9.44 11.97 -2.55
N VAL A 682 -8.52 12.91 -2.78
CA VAL A 682 -7.16 12.84 -2.28
C VAL A 682 -6.94 13.96 -1.27
N ARG A 683 -6.28 13.63 -0.17
CA ARG A 683 -5.90 14.58 0.86
C ARG A 683 -4.41 14.47 1.13
N MET A 684 -3.84 15.53 1.69
CA MET A 684 -2.43 15.60 2.04
C MET A 684 -2.30 15.85 3.54
N VAL A 685 -1.68 14.92 4.25
CA VAL A 685 -1.38 15.08 5.67
C VAL A 685 0.13 15.02 5.83
N THR A 686 0.70 16.06 6.44
CA THR A 686 2.15 16.17 6.57
C THR A 686 2.49 16.92 7.85
N GLY A 687 3.72 16.75 8.30
CA GLY A 687 4.25 17.44 9.47
C GLY A 687 5.05 18.68 9.17
N ASP A 688 5.09 19.14 7.92
CA ASP A 688 5.90 20.28 7.54
C ASP A 688 5.13 21.59 7.77
N ASN A 689 5.71 22.69 7.33
CA ASN A 689 5.09 24.00 7.50
C ASN A 689 3.80 24.09 6.69
N ILE A 690 2.90 24.96 7.14
CA ILE A 690 1.66 25.17 6.42
C ILE A 690 1.92 25.90 5.11
N ASN A 691 2.88 26.84 5.10
CA ASN A 691 3.18 27.57 3.87
C ASN A 691 3.74 26.66 2.79
N THR A 692 4.65 25.76 3.16
CA THR A 692 5.25 24.87 2.16
C THR A 692 4.27 23.80 1.70
N ALA A 693 3.44 23.29 2.61
CA ALA A 693 2.45 22.29 2.22
C ALA A 693 1.45 22.86 1.23
N ARG A 694 1.00 24.09 1.44
CA ARG A 694 0.02 24.70 0.54
C ARG A 694 0.59 24.91 -0.85
N ALA A 695 1.85 25.33 -0.95
CA ALA A 695 2.44 25.62 -2.26
C ALA A 695 2.51 24.37 -3.13
N ILE A 696 2.92 23.24 -2.55
CA ILE A 696 3.03 22.01 -3.32
C ILE A 696 1.68 21.34 -3.53
N ALA A 697 0.71 21.60 -2.65
CA ALA A 697 -0.62 21.03 -2.83
C ALA A 697 -1.28 21.56 -4.10
N ILE A 698 -1.07 22.85 -4.41
CA ILE A 698 -1.68 23.43 -5.60
C ILE A 698 -1.07 22.83 -6.86
N LYS A 699 0.24 22.61 -6.87
CA LYS A 699 0.90 22.07 -8.06
C LYS A 699 0.44 20.66 -8.36
N CYS A 700 0.23 19.84 -7.34
CA CYS A 700 -0.27 18.48 -7.54
C CYS A 700 -1.74 18.43 -7.91
N GLY A 701 -2.46 19.54 -7.78
CA GLY A 701 -3.89 19.56 -8.08
C GLY A 701 -4.78 19.11 -6.95
N ILE A 702 -4.25 18.92 -5.75
CA ILE A 702 -5.08 18.49 -4.62
C ILE A 702 -6.11 19.57 -4.28
N ILE A 703 -5.67 20.83 -4.23
CA ILE A 703 -6.56 21.96 -4.02
C ILE A 703 -6.42 22.90 -5.21
N HIS A 704 -7.54 23.25 -5.80
CA HIS A 704 -7.56 24.18 -6.91
C HIS A 704 -7.81 25.60 -6.41
N PRO A 705 -7.39 26.61 -7.16
CA PRO A 705 -7.62 27.99 -6.71
C PRO A 705 -9.10 28.29 -6.57
N GLY A 706 -9.41 29.12 -5.57
CA GLY A 706 -10.79 29.47 -5.27
C GLY A 706 -11.11 29.39 -3.80
N GLU A 707 -10.18 28.85 -3.01
CA GLU A 707 -10.35 28.73 -1.56
C GLU A 707 -11.62 27.97 -1.20
N ASP A 708 -11.90 26.91 -1.96
CA ASP A 708 -13.12 26.14 -1.77
C ASP A 708 -13.05 25.27 -0.52
N PHE A 709 -11.90 24.64 -0.26
CA PHE A 709 -11.74 23.71 0.84
C PHE A 709 -10.77 24.28 1.86
N LEU A 710 -11.02 23.94 3.13
CA LEU A 710 -10.23 24.50 4.23
C LEU A 710 -8.98 23.66 4.47
N CYS A 711 -7.90 24.35 4.81
CA CYS A 711 -6.64 23.72 5.20
C CYS A 711 -6.33 24.13 6.64
N LEU A 712 -6.09 23.14 7.50
CA LEU A 712 -6.00 23.36 8.93
C LEU A 712 -4.69 22.84 9.47
N GLU A 713 -4.20 23.49 10.52
CA GLU A 713 -2.97 23.07 11.17
C GLU A 713 -3.28 22.02 12.24
N GLY A 714 -2.22 21.36 12.72
CA GLY A 714 -2.40 20.28 13.67
C GLY A 714 -2.91 20.72 15.01
N LYS A 715 -2.39 21.84 15.54
CA LYS A 715 -2.82 22.31 16.84
C LYS A 715 -4.30 22.68 16.83
N GLU A 716 -4.75 23.38 15.79
CA GLU A 716 -6.17 23.70 15.66
C GLU A 716 -7.00 22.44 15.46
N PHE A 717 -6.46 21.46 14.74
CA PHE A 717 -7.17 20.20 14.53
C PHE A 717 -7.41 19.48 15.85
N ASN A 718 -6.39 19.41 16.70
CA ASN A 718 -6.56 18.79 18.01
C ASN A 718 -7.48 19.61 18.91
N ARG A 719 -7.35 20.94 18.87
CA ARG A 719 -8.15 21.78 19.75
C ARG A 719 -9.64 21.71 19.42
N ARG A 720 -9.98 21.67 18.14
CA ARG A 720 -11.38 21.76 17.76
C ARG A 720 -12.16 20.48 18.06
N ILE A 721 -11.55 19.31 17.85
CA ILE A 721 -12.29 18.06 18.00
C ILE A 721 -12.63 17.80 19.46
N ARG A 722 -11.72 18.11 20.37
CA ARG A 722 -11.93 17.79 21.77
C ARG A 722 -13.02 18.67 22.36
N ASN A 723 -13.95 18.04 23.08
CA ASN A 723 -15.12 18.73 23.64
C ASN A 723 -14.86 19.13 25.09
N GLU A 724 -13.91 20.06 25.25
CA GLU A 724 -13.61 20.72 26.51
C GLU A 724 -12.90 19.80 27.51
N LYS A 725 -13.58 18.75 27.97
CA LYS A 725 -13.01 17.85 28.97
C LYS A 725 -11.71 17.21 28.45
N GLY A 726 -11.64 16.95 27.15
CA GLY A 726 -10.43 16.39 26.57
C GLY A 726 -10.62 15.02 25.95
N GLU A 727 -11.82 14.74 25.46
CA GLU A 727 -12.11 13.50 24.76
C GLU A 727 -12.64 13.81 23.36
N ILE A 728 -12.48 12.84 22.47
CA ILE A 728 -12.81 13.01 21.06
C ILE A 728 -14.20 12.43 20.81
N GLU A 729 -15.09 13.25 20.25
CA GLU A 729 -16.42 12.81 19.86
C GLU A 729 -16.54 12.83 18.35
N GLN A 730 -17.23 11.84 17.79
CA GLN A 730 -17.30 11.67 16.34
C GLN A 730 -17.99 12.84 15.65
N GLU A 731 -18.84 13.59 16.35
CA GLU A 731 -19.53 14.70 15.71
C GLU A 731 -18.55 15.77 15.26
N ARG A 732 -17.57 16.10 16.11
CA ARG A 732 -16.60 17.13 15.75
C ARG A 732 -15.77 16.74 14.54
N ILE A 733 -15.34 15.47 14.49
CA ILE A 733 -14.58 15.01 13.33
C ILE A 733 -15.44 15.01 12.07
N ASP A 734 -16.71 14.62 12.22
CA ASP A 734 -17.62 14.66 11.08
C ASP A 734 -17.86 16.08 10.61
N LYS A 735 -17.68 17.06 11.50
CA LYS A 735 -17.83 18.46 11.11
C LYS A 735 -16.79 18.87 10.07
N ILE A 736 -15.54 18.44 10.24
CA ILE A 736 -14.44 19.03 9.50
C ILE A 736 -13.82 18.09 8.47
N TRP A 737 -13.93 16.76 8.65
CA TRP A 737 -13.25 15.86 7.71
C TRP A 737 -13.80 15.88 6.29
N PRO A 738 -15.09 16.14 6.02
CA PRO A 738 -15.55 16.11 4.62
C PRO A 738 -14.86 17.11 3.72
N LYS A 739 -14.36 18.23 4.25
CA LYS A 739 -13.76 19.28 3.44
C LYS A 739 -12.43 19.72 4.02
N LEU A 740 -11.60 18.76 4.40
CA LEU A 740 -10.26 19.03 4.92
C LEU A 740 -9.26 18.37 3.97
N ARG A 741 -8.56 19.19 3.19
CA ARG A 741 -7.63 18.70 2.18
C ARG A 741 -6.17 18.72 2.63
N VAL A 742 -5.73 19.80 3.26
CA VAL A 742 -4.34 19.95 3.69
C VAL A 742 -4.30 20.00 5.20
N LEU A 743 -3.49 19.14 5.81
CA LEU A 743 -3.29 19.12 7.25
C LEU A 743 -1.79 19.19 7.52
N ALA A 744 -1.33 20.33 8.04
CA ALA A 744 0.09 20.56 8.26
C ALA A 744 0.40 20.62 9.74
N ARG A 745 1.68 20.36 10.07
CA ARG A 745 2.15 20.34 11.45
C ARG A 745 1.37 19.32 12.29
N SER A 746 1.45 18.06 11.87
CA SER A 746 0.71 16.98 12.51
C SER A 746 1.67 15.96 13.09
N SER A 747 1.51 15.66 14.38
CA SER A 747 2.23 14.57 15.01
C SER A 747 1.66 13.24 14.53
N PRO A 748 2.39 12.14 14.71
CA PRO A 748 1.88 10.84 14.26
C PRO A 748 0.53 10.48 14.84
N THR A 749 0.21 10.96 16.05
CA THR A 749 -1.11 10.70 16.61
C THR A 749 -2.21 11.37 15.80
N ASP A 750 -1.97 12.58 15.30
CA ASP A 750 -2.99 13.28 14.53
C ASP A 750 -3.35 12.53 13.25
N LYS A 751 -2.35 11.98 12.57
CA LYS A 751 -2.63 11.20 11.37
C LYS A 751 -3.48 9.99 11.70
N HIS A 752 -3.17 9.31 12.81
CA HIS A 752 -3.98 8.17 13.24
C HIS A 752 -5.39 8.60 13.60
N THR A 753 -5.54 9.77 14.21
CA THR A 753 -6.87 10.27 14.56
C THR A 753 -7.69 10.57 13.31
N LEU A 754 -7.07 11.13 12.27
CA LEU A 754 -7.81 11.49 11.07
C LEU A 754 -8.28 10.25 10.32
N VAL A 755 -7.38 9.28 10.11
CA VAL A 755 -7.77 8.09 9.36
C VAL A 755 -8.72 7.21 10.16
N LYS A 756 -8.74 7.33 11.49
CA LYS A 756 -9.75 6.64 12.27
C LYS A 756 -11.09 7.34 12.19
N GLY A 757 -11.09 8.68 12.12
CA GLY A 757 -12.34 9.40 12.03
C GLY A 757 -13.08 9.15 10.73
N ILE A 758 -12.35 9.04 9.62
CA ILE A 758 -12.99 8.84 8.33
C ILE A 758 -13.60 7.45 8.24
N ILE A 759 -12.87 6.42 8.69
CA ILE A 759 -13.35 5.05 8.59
C ILE A 759 -14.59 4.86 9.45
N ASP A 760 -14.57 5.35 10.68
CA ASP A 760 -15.67 5.16 11.62
C ASP A 760 -16.60 6.37 11.61
N SER A 761 -17.24 6.60 10.47
CA SER A 761 -18.14 7.73 10.32
C SER A 761 -19.30 7.35 9.40
N THR A 762 -20.51 7.64 9.84
CA THR A 762 -21.72 7.42 9.04
C THR A 762 -22.37 8.73 8.61
N HIS A 763 -21.64 9.84 8.69
CA HIS A 763 -22.19 11.13 8.28
C HIS A 763 -22.54 11.13 6.79
N THR A 764 -21.66 10.57 5.95
CA THR A 764 -21.93 10.48 4.53
C THR A 764 -22.87 9.31 4.23
N GLU A 765 -23.35 9.27 2.99
CA GLU A 765 -24.28 8.22 2.58
C GLU A 765 -23.60 6.85 2.56
N GLN A 766 -22.39 6.78 1.99
CA GLN A 766 -21.69 5.53 1.79
C GLN A 766 -20.52 5.41 2.75
N ARG A 767 -20.23 4.19 3.18
CA ARG A 767 -19.06 3.94 4.01
C ARG A 767 -17.78 4.16 3.21
N GLN A 768 -16.74 4.57 3.92
CA GLN A 768 -15.48 4.97 3.29
C GLN A 768 -14.41 3.91 3.50
N VAL A 769 -13.64 3.64 2.46
CA VAL A 769 -12.46 2.79 2.53
C VAL A 769 -11.25 3.66 2.30
N VAL A 770 -10.40 3.79 3.30
CA VAL A 770 -9.29 4.74 3.28
C VAL A 770 -7.99 3.99 3.03
N ALA A 771 -7.18 4.50 2.10
CA ALA A 771 -5.85 3.99 1.82
C ALA A 771 -4.83 5.09 2.04
N VAL A 772 -3.73 4.76 2.71
CA VAL A 772 -2.74 5.74 3.12
C VAL A 772 -1.39 5.36 2.51
N THR A 773 -0.71 6.34 1.92
CA THR A 773 0.62 6.16 1.36
C THR A 773 1.62 6.97 2.17
N GLY A 774 2.81 6.41 2.40
CA GLY A 774 3.83 7.12 3.16
C GLY A 774 5.14 6.39 3.09
N ASP A 775 6.18 7.06 3.60
CA ASP A 775 7.52 6.50 3.52
C ASP A 775 8.34 6.70 4.80
N GLY A 776 7.75 7.23 5.87
CA GLY A 776 8.52 7.61 7.04
C GLY A 776 7.89 7.05 8.31
N THR A 777 8.64 7.18 9.39
CA THR A 777 8.17 6.67 10.68
C THR A 777 6.96 7.43 11.21
N ASN A 778 6.65 8.60 10.61
CA ASN A 778 5.42 9.31 10.94
C ASN A 778 4.19 8.51 10.58
N ASP A 779 4.22 7.84 9.43
CA ASP A 779 3.07 7.13 8.92
C ASP A 779 2.98 5.71 9.43
N GLY A 780 3.76 5.36 10.44
CA GLY A 780 3.64 4.08 11.10
C GLY A 780 2.23 3.84 11.61
N PRO A 781 1.80 4.62 12.60
CA PRO A 781 0.43 4.46 13.11
C PRO A 781 -0.65 4.62 12.06
N ALA A 782 -0.47 5.53 11.09
CA ALA A 782 -1.50 5.79 10.11
C ALA A 782 -1.60 4.71 9.04
N LEU A 783 -0.53 3.96 8.79
CA LEU A 783 -0.60 2.86 7.85
C LEU A 783 -1.31 1.65 8.44
N LYS A 784 -1.26 1.47 9.76
CA LYS A 784 -1.89 0.32 10.38
C LYS A 784 -3.41 0.45 10.33
N LYS A 785 -3.93 1.61 10.71
CA LYS A 785 -5.38 1.80 10.76
C LYS A 785 -6.00 1.81 9.38
N ALA A 786 -5.24 2.20 8.36
CA ALA A 786 -5.76 2.24 6.99
C ALA A 786 -6.11 0.84 6.52
N ASP A 787 -7.15 0.75 5.67
CA ASP A 787 -7.57 -0.55 5.16
C ASP A 787 -6.48 -1.19 4.31
N VAL A 788 -5.86 -0.41 3.43
CA VAL A 788 -4.72 -0.87 2.63
C VAL A 788 -3.67 0.23 2.65
N GLY A 789 -2.47 -0.09 3.13
CA GLY A 789 -1.43 0.92 3.25
C GLY A 789 -0.25 0.71 2.34
N PHE A 790 -0.06 1.61 1.38
CA PHE A 790 1.09 1.56 0.51
C PHE A 790 2.32 2.12 1.23
N ALA A 791 3.49 1.83 0.67
CA ALA A 791 4.73 2.36 1.24
C ALA A 791 5.80 2.37 0.14
N MET A 792 6.66 3.37 0.20
CA MET A 792 7.74 3.47 -0.76
C MET A 792 8.79 2.41 -0.49
N GLY A 793 9.34 1.83 -1.57
CA GLY A 793 10.27 0.73 -1.44
C GLY A 793 11.71 1.14 -1.21
N ILE A 794 12.26 1.95 -2.12
CA ILE A 794 13.66 2.33 -2.00
C ILE A 794 13.88 3.58 -1.16
N ALA A 795 12.84 4.38 -0.95
CA ALA A 795 12.94 5.62 -0.18
C ALA A 795 12.04 5.59 1.04
N GLY A 796 12.01 4.45 1.75
CA GLY A 796 11.18 4.31 2.92
C GLY A 796 11.89 3.69 4.10
N THR A 797 11.57 4.14 5.31
CA THR A 797 12.20 3.59 6.50
C THR A 797 11.63 2.20 6.80
N ASP A 798 12.30 1.50 7.72
CA ASP A 798 11.90 0.14 8.02
C ASP A 798 10.57 0.06 8.75
N VAL A 799 10.22 1.11 9.51
CA VAL A 799 8.95 1.09 10.24
C VAL A 799 7.77 1.20 9.26
N ALA A 800 7.93 2.02 8.22
CA ALA A 800 6.85 2.17 7.24
C ALA A 800 6.59 0.87 6.50
N LYS A 801 7.63 0.12 6.16
CA LYS A 801 7.44 -1.14 5.46
C LYS A 801 6.99 -2.27 6.39
N GLU A 802 7.10 -2.11 7.70
CA GLU A 802 6.54 -3.09 8.62
C GLU A 802 5.03 -2.97 8.73
N ALA A 803 4.47 -1.76 8.56
CA ALA A 803 3.05 -1.51 8.71
C ALA A 803 2.30 -1.48 7.38
N SER A 804 2.96 -1.80 6.27
CA SER A 804 2.37 -1.69 4.96
C SER A 804 1.87 -3.05 4.46
N ASP A 805 0.97 -3.01 3.48
CA ASP A 805 0.47 -4.19 2.80
C ASP A 805 1.00 -4.33 1.38
N ILE A 806 1.02 -3.24 0.62
CA ILE A 806 1.46 -3.24 -0.77
C ILE A 806 2.66 -2.30 -0.88
N ILE A 807 3.84 -2.87 -1.06
CA ILE A 807 5.07 -2.09 -1.16
C ILE A 807 5.34 -1.75 -2.62
N LEU A 808 5.50 -0.47 -2.91
CA LEU A 808 5.86 -0.01 -4.25
C LEU A 808 7.37 -0.10 -4.40
N THR A 809 7.85 -1.15 -5.08
CA THR A 809 9.29 -1.35 -5.22
C THR A 809 9.94 -0.22 -6.01
N ASP A 810 9.29 0.25 -7.06
CA ASP A 810 9.85 1.28 -7.92
C ASP A 810 9.53 2.69 -7.44
N ASP A 811 8.90 2.82 -6.26
CA ASP A 811 8.57 4.06 -5.56
C ASP A 811 8.13 5.18 -6.50
N ASN A 812 7.35 4.83 -7.52
CA ASN A 812 6.80 5.79 -8.46
C ASN A 812 5.29 5.84 -8.29
N PHE A 813 4.73 7.05 -8.27
CA PHE A 813 3.33 7.23 -7.91
C PHE A 813 2.36 6.75 -8.98
N SER A 814 2.84 6.42 -10.18
CA SER A 814 1.93 5.96 -11.23
C SER A 814 1.42 4.55 -10.99
N SER A 815 2.01 3.80 -10.06
CA SER A 815 1.55 2.45 -9.78
C SER A 815 0.39 2.40 -8.80
N ILE A 816 -0.05 3.54 -8.28
CA ILE A 816 -1.28 3.56 -7.48
C ILE A 816 -2.49 3.33 -8.37
N VAL A 817 -2.48 3.90 -9.58
CA VAL A 817 -3.61 3.73 -10.50
C VAL A 817 -3.75 2.28 -10.93
N LYS A 818 -2.63 1.63 -11.24
CA LYS A 818 -2.71 0.24 -11.68
C LYS A 818 -3.19 -0.68 -10.57
N ALA A 819 -2.93 -0.32 -9.30
CA ALA A 819 -3.53 -1.06 -8.20
C ALA A 819 -5.04 -0.97 -8.23
N VAL A 820 -5.58 0.21 -8.52
CA VAL A 820 -7.03 0.37 -8.65
C VAL A 820 -7.56 -0.49 -9.78
N MET A 821 -6.88 -0.46 -10.93
CA MET A 821 -7.30 -1.27 -12.07
C MET A 821 -7.35 -2.75 -11.71
N TRP A 822 -6.29 -3.25 -11.07
CA TRP A 822 -6.23 -4.67 -10.77
C TRP A 822 -7.23 -5.06 -9.68
N GLY A 823 -7.48 -4.18 -8.71
CA GLY A 823 -8.52 -4.47 -7.73
C GLY A 823 -9.89 -4.60 -8.36
N ARG A 824 -10.23 -3.67 -9.25
CA ARG A 824 -11.54 -3.75 -9.91
C ARG A 824 -11.62 -4.98 -10.81
N ASN A 825 -10.53 -5.34 -11.47
CA ASN A 825 -10.52 -6.55 -12.30
C ASN A 825 -10.72 -7.81 -11.45
N VAL A 826 -10.09 -7.86 -10.28
CA VAL A 826 -10.27 -9.01 -9.40
C VAL A 826 -11.71 -9.12 -8.96
N TYR A 827 -12.32 -7.99 -8.60
CA TYR A 827 -13.72 -8.02 -8.21
C TYR A 827 -14.61 -8.53 -9.34
N ASP A 828 -14.34 -8.08 -10.57
CA ASP A 828 -15.14 -8.56 -11.70
C ASP A 828 -14.96 -10.07 -11.92
N SER A 829 -13.73 -10.57 -11.81
CA SER A 829 -13.49 -11.99 -12.01
C SER A 829 -14.22 -12.83 -10.96
N ILE A 830 -14.18 -12.39 -9.70
CA ILE A 830 -14.90 -13.12 -8.66
C ILE A 830 -16.40 -13.07 -8.91
N SER A 831 -16.91 -11.92 -9.36
CA SER A 831 -18.34 -11.83 -9.65
C SER A 831 -18.76 -12.82 -10.73
N LYS A 832 -17.99 -12.91 -11.82
CA LYS A 832 -18.39 -13.80 -12.91
C LYS A 832 -18.26 -15.27 -12.51
N PHE A 833 -17.23 -15.62 -11.73
CA PHE A 833 -17.16 -17.00 -11.26
C PHE A 833 -18.33 -17.35 -10.35
N LEU A 834 -18.73 -16.41 -9.48
CA LEU A 834 -19.91 -16.65 -8.66
C LEU A 834 -21.14 -16.87 -9.52
N GLN A 835 -21.27 -16.08 -10.59
CA GLN A 835 -22.41 -16.24 -11.50
C GLN A 835 -22.45 -17.63 -12.10
N PHE A 836 -21.29 -18.18 -12.48
CA PHE A 836 -21.25 -19.54 -13.02
C PHE A 836 -21.60 -20.58 -11.95
N GLN A 837 -20.94 -20.50 -10.79
CA GLN A 837 -21.08 -21.52 -9.77
C GLN A 837 -22.49 -21.58 -9.20
N LEU A 838 -23.16 -20.43 -9.07
CA LEU A 838 -24.50 -20.45 -8.48
C LEU A 838 -25.49 -21.14 -9.40
N THR A 839 -25.38 -20.95 -10.72
CA THR A 839 -26.25 -21.70 -11.62
C THR A 839 -25.99 -23.19 -11.51
N VAL A 840 -24.72 -23.59 -11.46
CA VAL A 840 -24.41 -25.01 -11.32
C VAL A 840 -25.08 -25.57 -10.06
N ASN A 841 -24.93 -24.86 -8.93
CA ASN A 841 -25.48 -25.36 -7.67
C ASN A 841 -26.99 -25.41 -7.67
N VAL A 842 -27.65 -24.38 -8.22
CA VAL A 842 -29.11 -24.37 -8.22
C VAL A 842 -29.65 -25.54 -9.05
N VAL A 843 -29.08 -25.74 -10.24
CA VAL A 843 -29.54 -26.85 -11.08
C VAL A 843 -29.32 -28.18 -10.36
N ALA A 844 -28.14 -28.36 -9.77
CA ALA A 844 -27.85 -29.63 -9.10
C ALA A 844 -28.79 -29.89 -7.93
N VAL A 845 -29.06 -28.86 -7.12
CA VAL A 845 -29.90 -29.07 -5.95
C VAL A 845 -31.34 -29.34 -6.35
N ILE A 846 -31.85 -28.67 -7.38
CA ILE A 846 -33.21 -28.93 -7.82
C ILE A 846 -33.33 -30.34 -8.40
N VAL A 847 -32.32 -30.77 -9.18
CA VAL A 847 -32.36 -32.12 -9.73
C VAL A 847 -32.33 -33.16 -8.61
N ALA A 848 -31.49 -32.94 -7.60
CA ALA A 848 -31.44 -33.88 -6.48
C ALA A 848 -32.75 -33.91 -5.71
N PHE A 849 -33.36 -32.73 -5.50
CA PHE A 849 -34.64 -32.66 -4.80
C PHE A 849 -35.70 -33.45 -5.56
N THR A 850 -35.78 -33.28 -6.88
CA THR A 850 -36.74 -34.03 -7.67
C THR A 850 -36.44 -35.53 -7.64
N GLY A 851 -35.16 -35.89 -7.73
CA GLY A 851 -34.78 -37.29 -7.71
C GLY A 851 -34.86 -37.95 -6.34
N ALA A 852 -35.16 -37.18 -5.30
CA ALA A 852 -35.38 -37.74 -3.97
C ALA A 852 -36.86 -37.87 -3.62
N CYS A 853 -37.65 -36.82 -3.87
CA CYS A 853 -39.05 -36.83 -3.49
C CYS A 853 -39.92 -37.58 -4.50
N ILE A 854 -39.98 -37.10 -5.73
CA ILE A 854 -40.89 -37.66 -6.73
C ILE A 854 -40.42 -39.05 -7.15
N THR A 855 -39.14 -39.19 -7.45
CA THR A 855 -38.57 -40.46 -7.87
C THR A 855 -37.53 -40.90 -6.84
N GLN A 856 -37.12 -42.17 -6.95
CA GLN A 856 -36.16 -42.73 -6.02
C GLN A 856 -34.73 -42.75 -6.56
N ASP A 857 -34.52 -42.33 -7.80
CA ASP A 857 -33.20 -42.32 -8.41
C ASP A 857 -32.88 -40.92 -8.92
N SER A 858 -31.62 -40.51 -8.75
CA SER A 858 -31.12 -39.24 -9.23
C SER A 858 -30.15 -39.46 -10.38
N PRO A 859 -30.35 -38.80 -11.52
CA PRO A 859 -29.47 -39.05 -12.67
C PRO A 859 -28.02 -38.67 -12.43
N LEU A 860 -27.73 -37.83 -11.45
CA LEU A 860 -26.38 -37.34 -11.19
C LEU A 860 -25.83 -38.08 -9.96
N LYS A 861 -24.97 -39.06 -10.21
CA LYS A 861 -24.40 -39.84 -9.12
C LYS A 861 -23.41 -39.00 -8.31
N ALA A 862 -23.06 -39.52 -7.13
CA ALA A 862 -22.13 -38.81 -6.26
C ALA A 862 -20.75 -38.67 -6.90
N VAL A 863 -20.29 -39.73 -7.57
CA VAL A 863 -18.99 -39.68 -8.24
C VAL A 863 -19.02 -38.67 -9.38
N GLN A 864 -20.12 -38.63 -10.13
CA GLN A 864 -20.21 -37.74 -11.28
C GLN A 864 -20.18 -36.28 -10.85
N MET A 865 -20.86 -35.93 -9.76
CA MET A 865 -20.89 -34.54 -9.31
C MET A 865 -19.57 -34.10 -8.70
N LEU A 866 -18.76 -35.03 -8.19
CA LEU A 866 -17.45 -34.66 -7.65
C LEU A 866 -16.58 -34.02 -8.71
N TRP A 867 -16.54 -34.62 -9.91
CA TRP A 867 -15.70 -34.10 -10.97
C TRP A 867 -16.16 -32.71 -11.40
N VAL A 868 -17.48 -32.50 -11.46
CA VAL A 868 -18.00 -31.20 -11.90
C VAL A 868 -17.73 -30.13 -10.84
N ASN A 869 -17.94 -30.44 -9.57
CA ASN A 869 -17.79 -29.44 -8.52
C ASN A 869 -16.33 -29.12 -8.23
N LEU A 870 -15.48 -30.14 -8.16
CA LEU A 870 -14.11 -29.97 -7.67
C LEU A 870 -13.12 -29.67 -8.80
N ILE A 871 -13.03 -30.56 -9.79
CA ILE A 871 -11.95 -30.46 -10.76
C ILE A 871 -12.32 -29.50 -11.90
N MET A 872 -13.52 -29.66 -12.46
CA MET A 872 -13.89 -28.86 -13.63
C MET A 872 -14.08 -27.40 -13.27
N ASP A 873 -14.73 -27.11 -12.14
CA ASP A 873 -15.00 -25.73 -11.77
C ASP A 873 -13.76 -25.00 -11.28
N THR A 874 -12.82 -25.72 -10.66
CA THR A 874 -11.57 -25.09 -10.24
C THR A 874 -10.79 -24.55 -11.43
N PHE A 875 -10.68 -25.34 -12.50
CA PHE A 875 -10.05 -24.86 -13.72
C PHE A 875 -10.92 -23.84 -14.44
N ALA A 876 -12.22 -23.80 -14.16
CA ALA A 876 -13.08 -22.80 -14.76
C ALA A 876 -12.94 -21.43 -14.10
N SER A 877 -12.41 -21.38 -12.88
CA SER A 877 -12.13 -20.09 -12.24
C SER A 877 -10.88 -19.45 -12.84
N LEU A 878 -9.84 -20.24 -13.08
CA LEU A 878 -8.62 -19.70 -13.67
C LEU A 878 -8.85 -19.24 -15.11
N ALA A 879 -9.76 -19.89 -15.83
CA ALA A 879 -10.06 -19.47 -17.19
C ALA A 879 -10.87 -18.18 -17.22
N LEU A 880 -11.57 -17.84 -16.14
CA LEU A 880 -12.36 -16.62 -16.10
C LEU A 880 -11.61 -15.44 -15.50
N ALA A 881 -10.59 -15.69 -14.68
CA ALA A 881 -9.83 -14.64 -14.02
C ALA A 881 -8.61 -14.21 -14.82
N THR A 882 -8.45 -14.70 -16.04
CA THR A 882 -7.27 -14.44 -16.85
C THR A 882 -7.48 -13.38 -17.92
N GLU A 883 -8.64 -12.74 -17.96
CA GLU A 883 -8.88 -11.69 -18.95
C GLU A 883 -8.05 -10.47 -18.60
N PRO A 884 -7.27 -9.93 -19.54
CA PRO A 884 -6.39 -8.80 -19.24
C PRO A 884 -7.19 -7.55 -18.86
N PRO A 885 -6.72 -6.79 -17.88
CA PRO A 885 -7.42 -5.56 -17.51
C PRO A 885 -7.25 -4.49 -18.58
N THR A 886 -8.20 -3.56 -18.59
CA THR A 886 -8.19 -2.46 -19.55
C THR A 886 -8.37 -1.15 -18.81
N GLU A 887 -7.92 -0.07 -19.47
CA GLU A 887 -8.00 1.27 -18.88
C GLU A 887 -9.44 1.71 -18.63
N THR A 888 -10.41 1.10 -19.32
CA THR A 888 -11.80 1.53 -19.20
C THR A 888 -12.39 1.27 -17.81
N LEU A 889 -11.73 0.47 -16.97
CA LEU A 889 -12.23 0.22 -15.63
C LEU A 889 -12.20 1.45 -14.74
N LEU A 890 -11.41 2.47 -15.09
CA LEU A 890 -11.21 3.62 -14.25
C LEU A 890 -12.26 4.70 -14.44
N LEU A 891 -13.42 4.35 -15.00
CA LEU A 891 -14.53 5.28 -15.10
C LEU A 891 -15.70 4.91 -14.19
N ARG A 892 -15.77 3.67 -13.75
CA ARG A 892 -16.83 3.23 -12.85
C ARG A 892 -16.62 3.81 -11.45
N LYS A 893 -17.70 4.30 -10.85
CA LYS A 893 -17.62 4.83 -9.51
C LYS A 893 -17.36 3.69 -8.51
N PRO A 894 -16.74 3.99 -7.37
CA PRO A 894 -16.45 2.93 -6.40
C PRO A 894 -17.73 2.34 -5.81
N TYR A 895 -17.64 1.06 -5.47
CA TYR A 895 -18.75 0.37 -4.82
C TYR A 895 -18.71 0.59 -3.31
N GLY A 896 -19.85 0.35 -2.68
CA GLY A 896 -19.94 0.55 -1.24
C GLY A 896 -19.28 -0.56 -0.46
N ARG A 897 -19.10 -0.29 0.83
CA ARG A 897 -18.53 -1.28 1.74
C ARG A 897 -19.53 -2.38 2.09
N ASN A 898 -20.83 -2.13 1.92
CA ASN A 898 -21.86 -3.08 2.30
C ASN A 898 -22.68 -3.58 1.12
N LYS A 899 -22.30 -3.26 -0.10
CA LYS A 899 -23.06 -3.71 -1.27
C LYS A 899 -22.89 -5.22 -1.45
N PRO A 900 -23.98 -5.97 -1.59
CA PRO A 900 -23.86 -7.43 -1.71
C PRO A 900 -23.12 -7.82 -2.98
N LEU A 901 -22.47 -8.98 -2.91
CA LEU A 901 -21.67 -9.46 -4.03
C LEU A 901 -22.53 -9.74 -5.25
N ILE A 902 -23.68 -10.37 -5.06
CA ILE A 902 -24.57 -10.73 -6.16
C ILE A 902 -25.35 -9.49 -6.58
N SER A 903 -25.05 -8.97 -7.76
CA SER A 903 -25.74 -7.78 -8.27
C SER A 903 -27.12 -8.18 -8.81
N ARG A 904 -27.82 -7.19 -9.37
CA ARG A 904 -29.14 -7.47 -9.93
C ARG A 904 -29.04 -8.17 -11.28
N THR A 905 -28.03 -7.83 -12.09
CA THR A 905 -27.85 -8.51 -13.36
C THR A 905 -27.37 -9.95 -13.17
N MET A 906 -26.63 -10.21 -12.09
CA MET A 906 -26.18 -11.57 -11.83
C MET A 906 -27.33 -12.48 -11.43
N MET A 907 -28.34 -11.94 -10.73
CA MET A 907 -29.53 -12.74 -10.42
C MET A 907 -30.37 -13.04 -11.65
N LYS A 908 -30.24 -12.24 -12.71
CA LYS A 908 -30.95 -12.54 -13.94
C LYS A 908 -30.31 -13.71 -14.67
N ASN A 909 -28.99 -13.77 -14.70
CA ASN A 909 -28.31 -14.87 -15.37
C ASN A 909 -28.36 -16.16 -14.56
N ILE A 910 -28.35 -16.07 -13.23
CA ILE A 910 -28.36 -17.28 -12.41
C ILE A 910 -29.69 -18.00 -12.52
N LEU A 911 -30.80 -17.26 -12.41
CA LEU A 911 -32.11 -17.88 -12.53
C LEU A 911 -32.54 -18.05 -13.98
N GLY A 912 -32.02 -17.23 -14.88
CA GLY A 912 -32.38 -17.34 -16.28
C GLY A 912 -31.89 -18.62 -16.92
N HIS A 913 -30.64 -19.00 -16.66
CA HIS A 913 -30.09 -20.21 -17.23
C HIS A 913 -30.44 -21.46 -16.43
N ALA A 914 -30.96 -21.31 -15.21
CA ALA A 914 -31.47 -22.47 -14.49
C ALA A 914 -32.76 -22.98 -15.10
N VAL A 915 -33.54 -22.10 -15.74
CA VAL A 915 -34.77 -22.53 -16.39
C VAL A 915 -34.46 -23.40 -17.60
N TYR A 916 -33.51 -22.98 -18.43
CA TYR A 916 -33.20 -23.74 -19.64
C TYR A 916 -32.61 -25.11 -19.31
N GLN A 917 -31.71 -25.17 -18.32
CA GLN A 917 -31.07 -26.44 -18.01
C GLN A 917 -32.05 -27.41 -17.36
N LEU A 918 -32.99 -26.92 -16.56
CA LEU A 918 -33.90 -27.82 -15.86
C LEU A 918 -34.86 -28.51 -16.83
N THR A 919 -35.43 -27.75 -17.77
CA THR A 919 -36.43 -28.32 -18.67
C THR A 919 -35.84 -29.43 -19.52
N LEU A 920 -34.66 -29.21 -20.09
CA LEU A 920 -34.06 -30.23 -20.95
C LEU A 920 -33.67 -31.47 -20.16
N ILE A 921 -33.12 -31.28 -18.95
CA ILE A 921 -32.77 -32.43 -18.12
C ILE A 921 -34.00 -33.23 -17.76
N PHE A 922 -35.09 -32.55 -17.37
CA PHE A 922 -36.31 -33.25 -17.02
C PHE A 922 -36.90 -33.99 -18.22
N THR A 923 -36.91 -33.37 -19.39
CA THR A 923 -37.46 -34.04 -20.56
C THR A 923 -36.61 -35.23 -20.98
N LEU A 924 -35.28 -35.11 -20.89
CA LEU A 924 -34.43 -36.24 -21.20
C LEU A 924 -34.58 -37.36 -20.18
N LEU A 925 -34.89 -37.02 -18.93
CA LEU A 925 -35.10 -38.05 -17.91
C LEU A 925 -36.41 -38.79 -18.14
N PHE A 926 -37.50 -38.05 -18.29
CA PHE A 926 -38.82 -38.68 -18.33
C PHE A 926 -39.14 -39.29 -19.69
N VAL A 927 -38.98 -38.51 -20.77
CA VAL A 927 -39.43 -38.92 -22.08
C VAL A 927 -38.27 -39.11 -23.06
N GLY A 928 -37.03 -39.00 -22.59
CA GLY A 928 -35.89 -39.18 -23.46
C GLY A 928 -35.71 -40.59 -23.97
N GLU A 929 -36.27 -41.58 -23.26
CA GLU A 929 -36.16 -42.96 -23.69
C GLU A 929 -36.80 -43.19 -25.05
N LYS A 930 -37.96 -42.57 -25.28
CA LYS A 930 -38.60 -42.68 -26.59
C LYS A 930 -37.90 -41.82 -27.64
N MET A 931 -37.30 -40.70 -27.23
CA MET A 931 -36.58 -39.86 -28.17
C MET A 931 -35.36 -40.58 -28.73
N PHE A 932 -34.60 -41.28 -27.88
CA PHE A 932 -33.40 -41.97 -28.31
C PHE A 932 -33.64 -43.44 -28.63
N GLN A 933 -34.84 -43.96 -28.38
CA GLN A 933 -35.18 -45.37 -28.63
C GLN A 933 -34.19 -46.31 -27.94
N ILE A 934 -33.92 -46.01 -26.67
CA ILE A 934 -33.00 -46.81 -25.85
C ILE A 934 -33.77 -47.36 -24.66
N ASP A 935 -33.36 -48.54 -24.21
CA ASP A 935 -34.01 -49.17 -23.06
C ASP A 935 -33.90 -48.28 -21.82
N SER A 936 -34.98 -48.25 -21.05
CA SER A 936 -35.04 -47.37 -19.89
C SER A 936 -34.08 -47.82 -18.80
N GLY A 937 -33.52 -46.85 -18.10
CA GLY A 937 -32.68 -47.12 -16.94
C GLY A 937 -33.18 -46.36 -15.72
N ARG A 938 -34.48 -46.06 -15.71
CA ARG A 938 -35.04 -45.21 -14.65
C ARG A 938 -34.94 -45.89 -13.28
N ASN A 939 -35.21 -47.19 -13.23
CA ASN A 939 -35.15 -47.94 -11.97
C ASN A 939 -34.16 -49.08 -12.10
N ALA A 940 -33.40 -49.30 -11.03
CA ALA A 940 -32.37 -50.33 -10.99
C ALA A 940 -32.46 -51.07 -9.66
N PRO A 941 -32.01 -52.33 -9.63
CA PRO A 941 -31.97 -53.06 -8.35
C PRO A 941 -30.81 -52.66 -7.46
N LEU A 942 -30.19 -51.53 -7.78
CA LEU A 942 -29.07 -50.94 -7.05
C LEU A 942 -27.78 -51.72 -7.33
N HIS A 943 -27.89 -52.85 -8.01
CA HIS A 943 -26.76 -53.64 -8.48
C HIS A 943 -27.03 -53.99 -9.94
N SER A 944 -26.65 -53.08 -10.84
CA SER A 944 -26.97 -53.23 -12.25
C SER A 944 -25.86 -52.58 -13.06
N PRO A 945 -25.70 -52.97 -14.32
CA PRO A 945 -24.72 -52.30 -15.17
C PRO A 945 -25.15 -50.87 -15.44
N PRO A 946 -24.19 -49.97 -15.66
CA PRO A 946 -24.54 -48.56 -15.91
C PRO A 946 -25.38 -48.41 -17.16
N SER A 947 -26.58 -47.85 -16.98
CA SER A 947 -27.50 -47.65 -18.09
C SER A 947 -26.98 -46.56 -19.03
N GLU A 948 -27.28 -46.73 -20.32
CA GLU A 948 -26.92 -45.71 -21.29
C GLU A 948 -27.81 -44.48 -21.16
N HIS A 949 -29.04 -44.66 -20.66
CA HIS A 949 -29.99 -43.55 -20.57
C HIS A 949 -29.50 -42.47 -19.62
N TYR A 950 -28.96 -42.86 -18.46
CA TYR A 950 -28.49 -41.87 -17.49
C TYR A 950 -27.18 -41.23 -17.93
N THR A 951 -26.38 -41.95 -18.70
CA THR A 951 -25.16 -41.35 -19.23
C THR A 951 -25.48 -40.22 -20.19
N ILE A 952 -26.58 -40.32 -20.93
CA ILE A 952 -27.02 -39.23 -21.78
C ILE A 952 -27.30 -37.98 -20.95
N ILE A 953 -28.01 -38.14 -19.83
CA ILE A 953 -28.33 -37.01 -18.97
C ILE A 953 -27.07 -36.41 -18.37
N PHE A 954 -26.16 -37.26 -17.91
CA PHE A 954 -24.92 -36.75 -17.32
C PHE A 954 -24.09 -35.99 -18.34
N ASN A 955 -23.97 -36.53 -19.56
CA ASN A 955 -23.19 -35.86 -20.59
C ASN A 955 -23.85 -34.57 -21.03
N THR A 956 -25.18 -34.54 -21.05
CA THR A 956 -25.88 -33.29 -21.36
C THR A 956 -25.67 -32.24 -20.27
N PHE A 957 -25.71 -32.66 -19.00
CA PHE A 957 -25.47 -31.73 -17.91
C PHE A 957 -24.07 -31.16 -17.96
N VAL A 958 -23.08 -32.00 -18.25
CA VAL A 958 -21.70 -31.51 -18.33
C VAL A 958 -21.53 -30.61 -19.55
N MET A 959 -22.10 -31.01 -20.70
CA MET A 959 -21.87 -30.27 -21.93
C MET A 959 -22.57 -28.92 -21.96
N MET A 960 -23.61 -28.73 -21.16
CA MET A 960 -24.24 -27.42 -21.08
C MET A 960 -23.40 -26.44 -20.26
N GLN A 961 -22.60 -26.95 -19.32
CA GLN A 961 -21.77 -26.05 -18.51
C GLN A 961 -20.57 -25.54 -19.31
N LEU A 962 -20.02 -26.36 -20.20
CA LEU A 962 -18.87 -25.93 -21.00
C LEU A 962 -19.20 -24.71 -21.83
N PHE A 963 -20.42 -24.60 -22.33
CA PHE A 963 -20.86 -23.43 -23.07
C PHE A 963 -21.53 -22.39 -22.18
N ASN A 964 -21.68 -22.69 -20.89
CA ASN A 964 -22.19 -21.68 -19.96
C ASN A 964 -21.10 -20.70 -19.57
N GLU A 965 -19.85 -21.16 -19.48
CA GLU A 965 -18.77 -20.25 -19.11
C GLU A 965 -18.40 -19.30 -20.24
N ILE A 966 -18.47 -19.76 -21.49
CA ILE A 966 -18.28 -18.85 -22.62
C ILE A 966 -19.34 -17.76 -22.60
N ASN A 967 -20.48 -18.04 -21.97
CA ASN A 967 -21.53 -17.04 -21.78
C ASN A 967 -21.35 -16.23 -20.50
N ALA A 968 -20.70 -16.80 -19.49
CA ALA A 968 -20.55 -16.15 -18.19
C ALA A 968 -19.41 -15.15 -18.13
N ARG A 969 -18.83 -14.79 -19.27
CA ARG A 969 -17.72 -13.84 -19.28
C ARG A 969 -18.16 -12.39 -19.29
N LYS A 970 -19.47 -12.12 -19.31
CA LYS A 970 -19.99 -10.75 -19.35
C LYS A 970 -20.95 -10.57 -18.19
N ILE A 971 -20.47 -10.01 -17.09
CA ILE A 971 -21.33 -9.79 -15.92
C ILE A 971 -22.41 -8.77 -16.23
N HIS A 972 -22.05 -7.70 -16.93
CA HIS A 972 -23.02 -6.67 -17.27
C HIS A 972 -23.86 -7.14 -18.47
N GLY A 973 -24.63 -6.23 -19.06
CA GLY A 973 -25.52 -6.59 -20.14
C GLY A 973 -24.87 -6.64 -21.51
N GLU A 974 -23.64 -7.13 -21.60
CA GLU A 974 -22.98 -7.26 -22.88
C GLU A 974 -23.58 -8.42 -23.66
N ARG A 975 -24.08 -8.13 -24.86
CA ARG A 975 -24.64 -9.19 -25.70
C ARG A 975 -23.54 -10.03 -26.33
N ASN A 976 -22.47 -9.39 -26.81
CA ASN A 976 -21.39 -10.10 -27.48
C ASN A 976 -20.52 -10.76 -26.42
N VAL A 977 -20.71 -12.07 -26.22
CA VAL A 977 -19.96 -12.80 -25.21
C VAL A 977 -18.72 -13.44 -25.82
N PHE A 978 -18.45 -13.15 -27.10
CA PHE A 978 -17.27 -13.68 -27.78
C PHE A 978 -16.17 -12.64 -27.94
N ASP A 979 -16.34 -11.45 -27.35
CA ASP A 979 -15.33 -10.39 -27.50
C ASP A 979 -14.05 -10.76 -26.77
N GLY A 980 -12.92 -10.51 -27.44
CA GLY A 980 -11.61 -10.70 -26.85
C GLY A 980 -11.25 -12.11 -26.43
N ILE A 981 -12.06 -13.11 -26.81
CA ILE A 981 -11.72 -14.48 -26.48
C ILE A 981 -10.42 -14.90 -27.14
N PHE A 982 -10.06 -14.26 -28.26
CA PHE A 982 -8.81 -14.57 -28.93
C PHE A 982 -7.61 -14.05 -28.14
N ARG A 983 -7.79 -12.96 -27.39
CA ARG A 983 -6.74 -12.45 -26.51
C ARG A 983 -6.82 -13.11 -25.14
N ASN A 984 -6.84 -14.45 -25.14
CA ASN A 984 -6.99 -15.26 -23.93
C ASN A 984 -6.68 -16.72 -24.22
N PRO A 985 -5.44 -17.06 -24.58
CA PRO A 985 -5.17 -18.46 -25.00
C PRO A 985 -5.44 -19.50 -23.92
N ILE A 986 -5.18 -19.16 -22.65
CA ILE A 986 -5.36 -20.14 -21.59
C ILE A 986 -6.83 -20.51 -21.42
N PHE A 987 -7.74 -19.57 -21.69
CA PHE A 987 -9.17 -19.87 -21.63
C PHE A 987 -9.55 -20.96 -22.63
N CYS A 988 -9.16 -20.76 -23.90
CA CYS A 988 -9.48 -21.76 -24.92
C CYS A 988 -8.78 -23.08 -24.62
N THR A 989 -7.54 -23.02 -24.13
CA THR A 989 -6.83 -24.25 -23.79
C THR A 989 -7.56 -25.02 -22.70
N ILE A 990 -8.02 -24.33 -21.66
CA ILE A 990 -8.73 -24.99 -20.58
C ILE A 990 -10.05 -25.58 -21.08
N VAL A 991 -10.78 -24.84 -21.92
CA VAL A 991 -12.05 -25.35 -22.42
C VAL A 991 -11.83 -26.61 -23.24
N LEU A 992 -10.85 -26.60 -24.15
CA LEU A 992 -10.60 -27.76 -24.99
C LEU A 992 -10.09 -28.94 -24.17
N GLY A 993 -9.23 -28.68 -23.19
CA GLY A 993 -8.76 -29.76 -22.33
C GLY A 993 -9.89 -30.39 -21.54
N THR A 994 -10.79 -29.57 -21.01
CA THR A 994 -11.94 -30.11 -20.30
C THR A 994 -12.82 -30.93 -21.22
N PHE A 995 -13.03 -30.47 -22.45
CA PHE A 995 -13.84 -31.23 -23.41
C PHE A 995 -13.20 -32.58 -23.72
N ALA A 996 -11.89 -32.61 -23.94
CA ALA A 996 -11.21 -33.87 -24.23
C ALA A 996 -11.25 -34.81 -23.03
N ILE A 997 -11.06 -34.28 -21.82
CA ILE A 997 -11.12 -35.12 -20.62
C ILE A 997 -12.53 -35.66 -20.44
N GLN A 998 -13.54 -34.85 -20.76
CA GLN A 998 -14.92 -35.34 -20.69
C GLN A 998 -15.14 -36.49 -21.66
N ILE A 999 -14.62 -36.36 -22.88
CA ILE A 999 -14.73 -37.45 -23.85
C ILE A 999 -14.08 -38.71 -23.31
N VAL A 1000 -12.86 -38.59 -22.79
CA VAL A 1000 -12.14 -39.75 -22.28
C VAL A 1000 -12.89 -40.39 -21.11
N ILE A 1001 -13.45 -39.56 -20.23
CA ILE A 1001 -14.15 -40.08 -19.06
C ILE A 1001 -15.41 -40.83 -19.48
N VAL A 1002 -16.21 -40.23 -20.36
CA VAL A 1002 -17.50 -40.83 -20.70
C VAL A 1002 -17.29 -42.09 -21.56
N GLN A 1003 -16.29 -42.09 -22.43
CA GLN A 1003 -16.09 -43.24 -23.31
C GLN A 1003 -15.50 -44.43 -22.56
N PHE A 1004 -14.51 -44.19 -21.70
CA PHE A 1004 -13.78 -45.26 -21.04
C PHE A 1004 -14.06 -45.30 -19.53
N GLY A 1005 -15.21 -44.80 -19.10
CA GLY A 1005 -15.52 -44.75 -17.69
C GLY A 1005 -15.81 -46.09 -17.07
N GLY A 1006 -16.93 -46.70 -17.46
CA GLY A 1006 -17.31 -47.98 -16.89
C GLY A 1006 -18.06 -47.85 -15.58
N LYS A 1007 -17.89 -48.86 -14.72
CA LYS A 1007 -18.59 -48.86 -13.44
C LYS A 1007 -18.25 -47.69 -12.52
N PRO A 1008 -16.98 -47.32 -12.29
CA PRO A 1008 -16.70 -46.28 -11.29
C PRO A 1008 -17.38 -44.95 -11.56
N PHE A 1009 -17.51 -44.55 -12.82
CA PHE A 1009 -18.13 -43.28 -13.18
C PHE A 1009 -19.59 -43.43 -13.56
N SER A 1010 -20.16 -44.63 -13.45
CA SER A 1010 -21.55 -44.88 -13.79
C SER A 1010 -21.87 -44.43 -15.21
N CYS A 1011 -20.93 -44.70 -16.13
CA CYS A 1011 -21.06 -44.29 -17.51
C CYS A 1011 -20.83 -45.47 -18.43
N SER A 1012 -21.45 -45.41 -19.61
CA SER A 1012 -21.35 -46.43 -20.64
C SER A 1012 -20.97 -45.77 -21.95
N PRO A 1013 -20.36 -46.52 -22.88
CA PRO A 1013 -20.02 -45.93 -24.18
C PRO A 1013 -21.26 -45.46 -24.92
N LEU A 1014 -21.07 -44.41 -25.72
CA LEU A 1014 -22.15 -43.81 -26.50
C LEU A 1014 -21.80 -43.82 -27.98
N GLN A 1015 -22.82 -44.01 -28.81
CA GLN A 1015 -22.64 -43.91 -30.25
C GLN A 1015 -22.54 -42.45 -30.67
N LEU A 1016 -21.87 -42.20 -31.80
CA LEU A 1016 -21.54 -40.85 -32.21
C LEU A 1016 -22.77 -39.98 -32.48
N ASP A 1017 -23.89 -40.59 -32.88
CA ASP A 1017 -25.10 -39.81 -33.12
C ASP A 1017 -25.60 -39.17 -31.83
N GLN A 1018 -25.59 -39.92 -30.73
CA GLN A 1018 -25.98 -39.37 -29.44
C GLN A 1018 -25.00 -38.30 -28.99
N TRP A 1019 -23.71 -38.48 -29.29
CA TRP A 1019 -22.73 -37.44 -28.98
C TRP A 1019 -23.04 -36.15 -29.73
N MET A 1020 -23.39 -36.25 -31.02
CA MET A 1020 -23.75 -35.06 -31.78
C MET A 1020 -25.00 -34.40 -31.23
N TRP A 1021 -26.00 -35.20 -30.87
CA TRP A 1021 -27.23 -34.64 -30.30
C TRP A 1021 -26.94 -33.91 -28.98
N CYS A 1022 -26.10 -34.51 -28.14
CA CYS A 1022 -25.74 -33.85 -26.88
C CYS A 1022 -24.96 -32.56 -27.13
N ILE A 1023 -24.06 -32.57 -28.12
CA ILE A 1023 -23.30 -31.36 -28.42
C ILE A 1023 -24.22 -30.26 -28.90
N PHE A 1024 -25.22 -30.60 -29.73
CA PHE A 1024 -26.17 -29.59 -30.18
C PHE A 1024 -27.01 -29.07 -29.01
N ILE A 1025 -27.42 -29.97 -28.11
CA ILE A 1025 -28.22 -29.53 -26.96
C ILE A 1025 -27.40 -28.60 -26.07
N GLY A 1026 -26.09 -28.84 -25.98
CA GLY A 1026 -25.22 -27.90 -25.29
C GLY A 1026 -25.10 -26.58 -26.02
N LEU A 1027 -24.91 -26.62 -27.34
CA LEU A 1027 -24.78 -25.41 -28.13
C LEU A 1027 -26.02 -24.54 -28.07
N GLY A 1028 -27.18 -25.13 -27.78
CA GLY A 1028 -28.38 -24.32 -27.60
C GLY A 1028 -28.27 -23.31 -26.47
N GLU A 1029 -27.34 -23.52 -25.53
CA GLU A 1029 -27.16 -22.58 -24.42
C GLU A 1029 -26.72 -21.22 -24.93
N LEU A 1030 -25.82 -21.19 -25.92
CA LEU A 1030 -25.37 -19.92 -26.47
C LEU A 1030 -26.52 -19.16 -27.10
N VAL A 1031 -27.40 -19.86 -27.82
CA VAL A 1031 -28.56 -19.21 -28.42
C VAL A 1031 -29.50 -18.69 -27.34
N TRP A 1032 -29.72 -19.47 -26.28
CA TRP A 1032 -30.57 -19.03 -25.18
C TRP A 1032 -29.96 -17.86 -24.41
N GLY A 1033 -28.64 -17.69 -24.49
CA GLY A 1033 -28.01 -16.56 -23.81
C GLY A 1033 -28.48 -15.22 -24.32
N GLN A 1034 -28.62 -15.09 -25.64
CA GLN A 1034 -29.12 -13.83 -26.19
C GLN A 1034 -30.54 -13.54 -25.72
N VAL A 1035 -31.39 -14.57 -25.70
CA VAL A 1035 -32.77 -14.39 -25.25
C VAL A 1035 -32.81 -13.96 -23.79
N ILE A 1036 -32.00 -14.62 -22.95
CA ILE A 1036 -31.99 -14.24 -21.54
C ILE A 1036 -31.37 -12.86 -21.34
N ALA A 1037 -30.52 -12.41 -22.25
CA ALA A 1037 -29.98 -11.06 -22.18
C ALA A 1037 -30.99 -10.01 -22.64
N THR A 1038 -31.92 -10.39 -23.51
CA THR A 1038 -32.86 -9.42 -24.07
C THR A 1038 -33.73 -8.77 -23.01
N ILE A 1039 -34.15 -9.53 -21.99
CA ILE A 1039 -35.09 -9.01 -20.99
C ILE A 1039 -34.41 -7.88 -20.22
N PRO A 1040 -35.10 -6.75 -19.99
CA PRO A 1040 -34.49 -5.69 -19.17
C PRO A 1040 -34.27 -6.13 -17.74
N THR A 1041 -33.21 -5.61 -17.14
CA THR A 1041 -32.84 -5.98 -15.78
C THR A 1041 -33.42 -5.00 -14.76
#